data_1WGN
#
_entry.id   1WGN
#
_entity_poly.entity_id   1
_entity_poly.type   'polypeptide(L)'
_entity_poly.pdbx_seq_one_letter_code
;GSSGSSGAYSELQMLSPSERQCVETVVNMGYSYECVLRAMKKKGENIEQILDYLFAHSGPSSG
;
_entity_poly.pdbx_strand_id   A
#
# COMPACT_ATOMS: atom_id res chain seq x y z
N GLY A 1 18.67 0.43 -0.76
CA GLY A 1 18.32 1.37 -1.81
C GLY A 1 17.85 2.70 -1.22
N SER A 2 18.81 3.49 -0.78
CA SER A 2 18.50 4.79 -0.19
C SER A 2 19.79 5.55 0.08
N SER A 3 19.72 6.87 -0.09
CA SER A 3 20.86 7.72 0.14
C SER A 3 20.45 9.19 0.06
N GLY A 4 19.91 9.55 -1.10
CA GLY A 4 19.47 10.92 -1.33
C GLY A 4 18.52 11.38 -0.23
N SER A 5 18.94 12.42 0.47
CA SER A 5 18.13 12.97 1.54
C SER A 5 16.87 13.61 0.97
N SER A 6 17.08 14.58 0.10
CA SER A 6 15.97 15.28 -0.52
C SER A 6 15.30 14.39 -1.57
N GLY A 7 13.99 14.27 -1.43
CA GLY A 7 13.23 13.44 -2.36
C GLY A 7 12.53 12.30 -1.61
N ALA A 8 11.31 12.58 -1.17
CA ALA A 8 10.53 11.60 -0.45
C ALA A 8 9.50 10.98 -1.40
N TYR A 9 8.63 11.83 -1.92
CA TYR A 9 7.60 11.39 -2.84
C TYR A 9 8.21 10.67 -4.04
N SER A 10 9.46 11.00 -4.32
CA SER A 10 10.18 10.39 -5.44
C SER A 10 10.02 8.87 -5.38
N GLU A 11 10.02 8.35 -4.17
CA GLU A 11 9.89 6.91 -3.98
C GLU A 11 8.67 6.38 -4.74
N LEU A 12 7.53 7.01 -4.49
CA LEU A 12 6.30 6.62 -5.14
C LEU A 12 6.58 6.34 -6.63
N GLN A 13 7.21 7.32 -7.27
CA GLN A 13 7.54 7.19 -8.68
C GLN A 13 8.27 5.87 -8.93
N MET A 14 9.35 5.67 -8.20
CA MET A 14 10.15 4.46 -8.34
C MET A 14 10.21 3.69 -7.02
N LEU A 15 9.06 3.20 -6.60
CA LEU A 15 8.97 2.45 -5.36
C LEU A 15 9.93 1.25 -5.42
N SER A 16 9.90 0.46 -4.36
CA SER A 16 10.76 -0.71 -4.28
C SER A 16 10.04 -1.93 -4.87
N PRO A 17 10.77 -3.08 -4.89
CA PRO A 17 10.22 -4.32 -5.41
C PRO A 17 9.22 -4.93 -4.43
N SER A 18 9.37 -4.55 -3.18
CA SER A 18 8.49 -5.06 -2.13
C SER A 18 7.23 -4.19 -2.05
N GLU A 19 7.41 -2.91 -2.33
CA GLU A 19 6.30 -1.97 -2.30
C GLU A 19 5.48 -2.06 -3.59
N ARG A 20 6.20 -2.18 -4.70
CA ARG A 20 5.57 -2.28 -6.00
C ARG A 20 4.61 -3.48 -6.04
N GLN A 21 5.14 -4.62 -5.63
CA GLN A 21 4.35 -5.84 -5.61
C GLN A 21 3.15 -5.68 -4.68
N CYS A 22 3.42 -5.10 -3.52
CA CYS A 22 2.38 -4.89 -2.53
C CYS A 22 1.23 -4.13 -3.19
N VAL A 23 1.56 -2.95 -3.71
CA VAL A 23 0.57 -2.12 -4.37
C VAL A 23 -0.05 -2.90 -5.53
N GLU A 24 0.76 -3.14 -6.55
CA GLU A 24 0.30 -3.87 -7.72
C GLU A 24 -0.61 -5.03 -7.30
N THR A 25 -0.08 -5.87 -6.42
CA THR A 25 -0.82 -7.02 -5.94
C THR A 25 -2.26 -6.62 -5.64
N VAL A 26 -2.42 -5.82 -4.60
CA VAL A 26 -3.74 -5.36 -4.21
C VAL A 26 -4.42 -4.67 -5.39
N VAL A 27 -3.69 -3.75 -5.99
CA VAL A 27 -4.20 -3.00 -7.13
C VAL A 27 -4.84 -3.98 -8.12
N ASN A 28 -4.27 -5.18 -8.16
CA ASN A 28 -4.78 -6.21 -9.05
C ASN A 28 -6.02 -6.86 -8.44
N MET A 29 -5.96 -7.04 -7.13
CA MET A 29 -7.07 -7.64 -6.40
C MET A 29 -8.37 -6.85 -6.63
N GLY A 30 -8.19 -5.60 -7.04
CA GLY A 30 -9.33 -4.74 -7.29
C GLY A 30 -9.39 -3.59 -6.27
N TYR A 31 -8.28 -2.87 -6.19
CA TYR A 31 -8.19 -1.75 -5.27
C TYR A 31 -7.54 -0.53 -5.94
N SER A 32 -7.48 0.55 -5.19
CA SER A 32 -6.89 1.78 -5.70
C SER A 32 -5.40 1.83 -5.35
N TYR A 33 -4.70 2.72 -6.03
CA TYR A 33 -3.27 2.88 -5.81
C TYR A 33 -3.00 3.84 -4.64
N GLU A 34 -3.65 5.00 -4.70
CA GLU A 34 -3.49 6.00 -3.66
C GLU A 34 -3.80 5.39 -2.29
N CYS A 35 -4.99 4.83 -2.19
CA CYS A 35 -5.42 4.23 -0.94
C CYS A 35 -4.38 3.18 -0.53
N VAL A 36 -4.30 2.13 -1.34
CA VAL A 36 -3.36 1.06 -1.08
C VAL A 36 -2.00 1.66 -0.67
N LEU A 37 -1.56 2.62 -1.47
CA LEU A 37 -0.29 3.28 -1.20
C LEU A 37 -0.25 3.72 0.27
N ARG A 38 -1.18 4.60 0.62
CA ARG A 38 -1.26 5.10 1.98
C ARG A 38 -1.32 3.94 2.98
N ALA A 39 -2.28 3.06 2.75
CA ALA A 39 -2.44 1.90 3.62
C ALA A 39 -1.10 1.21 3.81
N MET A 40 -0.39 1.05 2.71
CA MET A 40 0.91 0.40 2.74
C MET A 40 1.87 1.14 3.68
N LYS A 41 1.83 2.47 3.59
CA LYS A 41 2.68 3.29 4.43
C LYS A 41 2.08 3.36 5.84
N LYS A 42 0.83 2.94 5.93
CA LYS A 42 0.14 2.95 7.22
C LYS A 42 0.40 1.63 7.94
N LYS A 43 -0.07 0.56 7.33
CA LYS A 43 0.10 -0.77 7.89
C LYS A 43 1.56 -1.21 7.72
N GLY A 44 2.17 -0.72 6.65
CA GLY A 44 3.55 -1.07 6.36
C GLY A 44 3.63 -2.15 5.29
N GLU A 45 4.30 -3.23 5.64
CA GLU A 45 4.47 -4.35 4.72
C GLU A 45 3.71 -5.57 5.24
N ASN A 46 2.51 -5.74 4.72
CA ASN A 46 1.67 -6.87 5.12
C ASN A 46 0.31 -6.76 4.44
N ILE A 47 0.21 -7.42 3.30
CA ILE A 47 -1.02 -7.40 2.53
C ILE A 47 -2.21 -7.52 3.49
N GLU A 48 -2.23 -8.61 4.24
CA GLU A 48 -3.30 -8.85 5.20
C GLU A 48 -3.67 -7.55 5.92
N GLN A 49 -2.67 -6.95 6.54
CA GLN A 49 -2.87 -5.72 7.27
C GLN A 49 -3.47 -4.65 6.35
N ILE A 50 -2.78 -4.42 5.24
CA ILE A 50 -3.23 -3.44 4.27
C ILE A 50 -4.69 -3.74 3.88
N LEU A 51 -5.01 -5.03 3.87
CA LEU A 51 -6.35 -5.46 3.52
C LEU A 51 -7.31 -5.08 4.64
N ASP A 52 -6.89 -5.38 5.86
CA ASP A 52 -7.70 -5.08 7.03
C ASP A 52 -8.03 -3.58 7.04
N TYR A 53 -7.01 -2.78 6.79
CA TYR A 53 -7.18 -1.33 6.77
C TYR A 53 -8.00 -0.90 5.56
N LEU A 54 -7.67 -1.49 4.42
CA LEU A 54 -8.37 -1.16 3.18
C LEU A 54 -9.88 -1.34 3.40
N PHE A 55 -10.26 -2.57 3.70
CA PHE A 55 -11.65 -2.89 3.93
C PHE A 55 -12.36 -1.75 4.67
N ALA A 56 -11.74 -1.33 5.76
CA ALA A 56 -12.29 -0.25 6.57
C ALA A 56 -12.86 0.83 5.65
N HIS A 57 -11.98 1.37 4.82
CA HIS A 57 -12.39 2.41 3.88
C HIS A 57 -13.29 1.81 2.80
N SER A 58 -12.80 0.76 2.17
CA SER A 58 -13.55 0.08 1.13
C SER A 58 -14.90 -0.38 1.67
N GLY A 59 -15.74 -0.84 0.75
CA GLY A 59 -17.06 -1.31 1.13
C GLY A 59 -17.08 -2.84 1.25
N PRO A 60 -18.08 -3.34 2.03
CA PRO A 60 -18.21 -4.76 2.24
C PRO A 60 -18.79 -5.45 0.99
N SER A 61 -17.92 -6.17 0.30
CA SER A 61 -18.33 -6.88 -0.90
C SER A 61 -17.43 -8.09 -1.14
N SER A 62 -17.82 -9.20 -0.53
CA SER A 62 -17.05 -10.43 -0.67
C SER A 62 -17.36 -11.11 -2.00
N GLY A 63 -16.37 -11.07 -2.89
CA GLY A 63 -16.54 -11.67 -4.20
C GLY A 63 -17.06 -10.64 -5.21
N GLY A 1 17.71 -0.66 3.36
CA GLY A 1 17.60 -0.26 4.76
C GLY A 1 18.95 -0.38 5.47
N SER A 2 19.93 0.34 4.95
CA SER A 2 21.26 0.33 5.54
C SER A 2 21.84 1.74 5.54
N SER A 3 21.93 2.33 4.35
CA SER A 3 22.46 3.66 4.22
C SER A 3 21.33 4.69 4.29
N GLY A 4 20.99 5.05 5.51
CA GLY A 4 19.92 6.02 5.74
C GLY A 4 18.54 5.36 5.63
N SER A 5 17.71 5.62 6.62
CA SER A 5 16.37 5.05 6.64
C SER A 5 15.35 6.14 6.30
N SER A 6 14.19 5.69 5.83
CA SER A 6 13.12 6.60 5.46
C SER A 6 13.57 7.49 4.30
N GLY A 7 13.04 7.17 3.12
CA GLY A 7 13.37 7.93 1.93
C GLY A 7 12.53 9.20 1.83
N ALA A 8 11.84 9.32 0.71
CA ALA A 8 10.99 10.49 0.48
C ALA A 8 10.00 10.18 -0.65
N TYR A 9 9.12 11.14 -0.90
CA TYR A 9 8.12 10.98 -1.93
C TYR A 9 8.73 10.39 -3.20
N SER A 10 9.99 10.76 -3.44
CA SER A 10 10.70 10.27 -4.61
C SER A 10 10.51 8.75 -4.75
N GLU A 11 10.37 8.10 -3.60
CA GLU A 11 10.18 6.67 -3.58
C GLU A 11 9.01 6.27 -4.47
N LEU A 12 7.87 6.90 -4.22
CA LEU A 12 6.67 6.62 -4.99
C LEU A 12 7.04 6.45 -6.47
N GLN A 13 7.81 7.42 -6.96
CA GLN A 13 8.24 7.39 -8.35
C GLN A 13 8.93 6.06 -8.66
N MET A 14 9.94 5.76 -7.87
CA MET A 14 10.69 4.53 -8.06
C MET A 14 10.65 3.67 -6.79
N LEU A 15 9.46 3.20 -6.47
CA LEU A 15 9.28 2.36 -5.29
C LEU A 15 10.19 1.13 -5.39
N SER A 16 10.05 0.26 -4.41
CA SER A 16 10.85 -0.95 -4.37
C SER A 16 10.08 -2.12 -5.00
N PRO A 17 10.75 -3.29 -5.05
CA PRO A 17 10.14 -4.48 -5.62
C PRO A 17 9.10 -5.07 -4.66
N SER A 18 9.31 -4.82 -3.38
CA SER A 18 8.41 -5.32 -2.36
C SER A 18 7.17 -4.44 -2.28
N GLU A 19 7.40 -3.14 -2.42
CA GLU A 19 6.31 -2.18 -2.37
C GLU A 19 5.52 -2.20 -3.67
N ARG A 20 6.25 -2.26 -4.78
CA ARG A 20 5.63 -2.29 -6.09
C ARG A 20 4.69 -3.49 -6.20
N GLN A 21 5.17 -4.63 -5.74
CA GLN A 21 4.37 -5.85 -5.79
C GLN A 21 3.17 -5.74 -4.85
N CYS A 22 3.43 -5.19 -3.67
CA CYS A 22 2.39 -5.01 -2.67
C CYS A 22 1.26 -4.19 -3.29
N VAL A 23 1.64 -3.00 -3.75
CA VAL A 23 0.67 -2.10 -4.38
C VAL A 23 0.00 -2.82 -5.56
N GLU A 24 0.79 -3.08 -6.58
CA GLU A 24 0.29 -3.76 -7.76
C GLU A 24 -0.65 -4.90 -7.36
N THR A 25 -0.11 -5.82 -6.58
CA THR A 25 -0.88 -6.97 -6.12
C THR A 25 -2.30 -6.53 -5.73
N VAL A 26 -2.37 -5.77 -4.64
CA VAL A 26 -3.65 -5.29 -4.15
C VAL A 26 -4.36 -4.53 -5.28
N VAL A 27 -3.61 -3.63 -5.90
CA VAL A 27 -4.16 -2.82 -6.98
C VAL A 27 -4.86 -3.74 -7.99
N ASN A 28 -4.37 -4.98 -8.04
CA ASN A 28 -4.94 -5.96 -8.95
C ASN A 28 -6.10 -6.68 -8.26
N MET A 29 -5.97 -6.80 -6.95
CA MET A 29 -6.99 -7.46 -6.15
C MET A 29 -8.33 -6.74 -6.27
N GLY A 30 -8.26 -5.44 -6.52
CA GLY A 30 -9.46 -4.63 -6.65
C GLY A 30 -9.38 -3.39 -5.76
N TYR A 31 -8.34 -2.60 -5.98
CA TYR A 31 -8.13 -1.39 -5.22
C TYR A 31 -7.36 -0.35 -6.02
N SER A 32 -7.17 0.81 -5.40
CA SER A 32 -6.45 1.89 -6.06
C SER A 32 -4.99 1.89 -5.61
N TYR A 33 -4.21 2.78 -6.22
CA TYR A 33 -2.80 2.90 -5.90
C TYR A 33 -2.59 3.83 -4.70
N GLU A 34 -3.19 5.01 -4.79
CA GLU A 34 -3.08 5.99 -3.73
C GLU A 34 -3.56 5.40 -2.41
N CYS A 35 -4.77 4.88 -2.44
CA CYS A 35 -5.37 4.29 -1.25
C CYS A 35 -4.41 3.23 -0.72
N VAL A 36 -4.27 2.16 -1.50
CA VAL A 36 -3.39 1.07 -1.12
C VAL A 36 -2.07 1.65 -0.57
N LEU A 37 -1.51 2.57 -1.33
CA LEU A 37 -0.26 3.20 -0.94
C LEU A 37 -0.35 3.62 0.53
N ARG A 38 -1.26 4.54 0.80
CA ARG A 38 -1.45 5.04 2.15
C ARG A 38 -1.51 3.87 3.14
N ALA A 39 -2.35 2.90 2.79
CA ALA A 39 -2.51 1.72 3.64
C ALA A 39 -1.15 1.07 3.87
N MET A 40 -0.37 1.00 2.80
CA MET A 40 0.96 0.40 2.87
C MET A 40 1.87 1.20 3.81
N LYS A 41 1.84 2.51 3.62
CA LYS A 41 2.66 3.39 4.44
C LYS A 41 2.01 3.55 5.81
N LYS A 42 0.77 3.08 5.91
CA LYS A 42 0.04 3.16 7.16
C LYS A 42 0.28 1.89 7.97
N LYS A 43 -0.14 0.77 7.40
CA LYS A 43 0.02 -0.52 8.05
C LYS A 43 1.47 -0.98 7.92
N GLY A 44 2.10 -0.50 6.85
CA GLY A 44 3.49 -0.85 6.59
C GLY A 44 3.59 -1.98 5.56
N GLU A 45 4.25 -3.06 5.96
CA GLU A 45 4.42 -4.20 5.09
C GLU A 45 3.66 -5.41 5.64
N ASN A 46 2.46 -5.59 5.13
CA ASN A 46 1.62 -6.71 5.57
C ASN A 46 0.31 -6.68 4.79
N ILE A 47 0.29 -7.41 3.68
CA ILE A 47 -0.90 -7.47 2.84
C ILE A 47 -2.13 -7.57 3.74
N GLU A 48 -2.15 -8.58 4.58
CA GLU A 48 -3.26 -8.79 5.49
C GLU A 48 -3.70 -7.47 6.11
N GLN A 49 -2.74 -6.80 6.72
CA GLN A 49 -3.01 -5.52 7.36
C GLN A 49 -3.53 -4.51 6.33
N ILE A 50 -2.68 -4.23 5.35
CA ILE A 50 -3.04 -3.28 4.31
C ILE A 50 -4.50 -3.52 3.89
N LEU A 51 -4.84 -4.80 3.77
CA LEU A 51 -6.19 -5.17 3.38
C LEU A 51 -7.16 -4.84 4.51
N ASP A 52 -6.75 -5.19 5.72
CA ASP A 52 -7.57 -4.93 6.90
C ASP A 52 -7.98 -3.46 6.90
N TYR A 53 -7.03 -2.60 6.57
CA TYR A 53 -7.28 -1.17 6.53
C TYR A 53 -8.15 -0.80 5.34
N LEU A 54 -7.84 -1.38 4.20
CA LEU A 54 -8.59 -1.12 2.98
C LEU A 54 -10.06 -1.46 3.22
N PHE A 55 -10.30 -2.73 3.51
CA PHE A 55 -11.65 -3.19 3.76
C PHE A 55 -12.45 -2.17 4.57
N ALA A 56 -11.83 -1.74 5.67
CA ALA A 56 -12.47 -0.77 6.55
C ALA A 56 -13.17 0.29 5.70
N HIS A 57 -12.39 0.93 4.85
CA HIS A 57 -12.93 1.97 3.97
C HIS A 57 -13.81 1.33 2.91
N SER A 58 -13.25 0.34 2.22
CA SER A 58 -13.98 -0.36 1.17
C SER A 58 -14.86 -1.44 1.78
N GLY A 59 -16.09 -1.05 2.10
CA GLY A 59 -17.04 -1.97 2.68
C GLY A 59 -16.60 -2.40 4.09
N PRO A 60 -17.15 -1.68 5.10
CA PRO A 60 -16.82 -1.98 6.49
C PRO A 60 -17.53 -3.24 6.96
N SER A 61 -17.25 -4.34 6.25
CA SER A 61 -17.85 -5.61 6.59
C SER A 61 -19.37 -5.52 6.49
N SER A 62 -19.89 -5.94 5.35
CA SER A 62 -21.33 -5.91 5.11
C SER A 62 -22.06 -6.55 6.30
N GLY A 63 -21.72 -7.81 6.55
CA GLY A 63 -22.34 -8.53 7.65
C GLY A 63 -23.63 -9.20 7.20
N GLY A 1 20.10 -5.17 -2.02
CA GLY A 1 20.63 -3.85 -1.71
C GLY A 1 19.71 -3.09 -0.76
N SER A 2 19.60 -3.62 0.45
CA SER A 2 18.76 -3.00 1.46
C SER A 2 19.57 -1.98 2.26
N SER A 3 19.60 -0.76 1.74
CA SER A 3 20.35 0.31 2.40
C SER A 3 19.51 0.89 3.55
N GLY A 4 20.16 1.72 4.35
CA GLY A 4 19.50 2.35 5.48
C GLY A 4 18.75 3.61 5.05
N SER A 5 17.44 3.57 5.22
CA SER A 5 16.61 4.70 4.86
C SER A 5 15.68 5.05 6.03
N SER A 6 15.09 6.24 5.93
CA SER A 6 14.18 6.71 6.97
C SER A 6 12.75 6.75 6.42
N GLY A 7 12.57 7.51 5.37
CA GLY A 7 11.26 7.64 4.75
C GLY A 7 11.10 9.01 4.08
N ALA A 8 10.93 8.98 2.77
CA ALA A 8 10.77 10.21 2.01
C ALA A 8 9.82 9.95 0.84
N TYR A 9 8.93 10.92 0.61
CA TYR A 9 7.96 10.81 -0.46
C TYR A 9 8.63 10.36 -1.76
N SER A 10 9.90 10.73 -1.90
CA SER A 10 10.66 10.37 -3.07
C SER A 10 10.55 8.87 -3.34
N GLU A 11 10.54 8.11 -2.25
CA GLU A 11 10.43 6.66 -2.34
C GLU A 11 9.23 6.27 -3.21
N LEU A 12 8.11 6.93 -2.94
CA LEU A 12 6.89 6.67 -3.68
C LEU A 12 7.21 6.65 -5.18
N GLN A 13 7.90 7.69 -5.62
CA GLN A 13 8.28 7.80 -7.02
C GLN A 13 9.00 6.54 -7.48
N MET A 14 9.98 6.12 -6.69
CA MET A 14 10.75 4.93 -7.01
C MET A 14 10.70 3.92 -5.86
N LEU A 15 9.50 3.42 -5.61
CA LEU A 15 9.29 2.45 -4.55
C LEU A 15 10.23 1.25 -4.78
N SER A 16 10.08 0.26 -3.91
CA SER A 16 10.89 -0.94 -4.02
C SER A 16 10.12 -2.04 -4.73
N PRO A 17 10.81 -3.20 -4.90
CA PRO A 17 10.19 -4.35 -5.58
C PRO A 17 9.18 -5.04 -4.66
N SER A 18 9.39 -4.87 -3.37
CA SER A 18 8.51 -5.48 -2.39
C SER A 18 7.26 -4.61 -2.21
N GLU A 19 7.48 -3.32 -2.10
CA GLU A 19 6.39 -2.37 -1.93
C GLU A 19 5.57 -2.28 -3.22
N ARG A 20 6.27 -2.27 -4.34
CA ARG A 20 5.63 -2.18 -5.64
C ARG A 20 4.75 -3.41 -5.87
N GLN A 21 5.36 -4.57 -5.70
CA GLN A 21 4.65 -5.83 -5.90
C GLN A 21 3.44 -5.90 -4.96
N CYS A 22 3.59 -5.30 -3.79
CA CYS A 22 2.51 -5.28 -2.82
C CYS A 22 1.38 -4.41 -3.36
N VAL A 23 1.67 -3.13 -3.52
CA VAL A 23 0.69 -2.19 -4.02
C VAL A 23 0.07 -2.75 -5.31
N GLU A 24 0.94 -3.02 -6.27
CA GLU A 24 0.50 -3.55 -7.54
C GLU A 24 -0.48 -4.71 -7.33
N THR A 25 -0.05 -5.69 -6.56
CA THR A 25 -0.88 -6.84 -6.25
C THR A 25 -2.30 -6.40 -5.91
N VAL A 26 -2.40 -5.70 -4.79
CA VAL A 26 -3.70 -5.23 -4.33
C VAL A 26 -4.38 -4.46 -5.47
N VAL A 27 -3.62 -3.61 -6.11
CA VAL A 27 -4.14 -2.82 -7.22
C VAL A 27 -4.75 -3.76 -8.26
N ASN A 28 -4.23 -4.96 -8.31
CA ASN A 28 -4.72 -5.96 -9.25
C ASN A 28 -5.91 -6.70 -8.63
N MET A 29 -5.94 -6.70 -7.31
CA MET A 29 -7.02 -7.36 -6.59
C MET A 29 -8.32 -6.57 -6.72
N GLY A 30 -8.19 -5.32 -7.12
CA GLY A 30 -9.35 -4.46 -7.29
C GLY A 30 -9.36 -3.34 -6.24
N TYR A 31 -8.33 -2.51 -6.31
CA TYR A 31 -8.21 -1.39 -5.38
C TYR A 31 -7.62 -0.17 -6.07
N SER A 32 -7.47 0.90 -5.28
CA SER A 32 -6.92 2.14 -5.80
C SER A 32 -5.48 2.31 -5.32
N TYR A 33 -4.57 2.45 -6.27
CA TYR A 33 -3.17 2.62 -5.95
C TYR A 33 -2.99 3.49 -4.70
N GLU A 34 -3.37 4.76 -4.85
CA GLU A 34 -3.26 5.70 -3.76
C GLU A 34 -3.74 5.05 -2.45
N CYS A 35 -5.01 4.69 -2.43
CA CYS A 35 -5.59 4.07 -1.26
C CYS A 35 -4.62 3.02 -0.73
N VAL A 36 -4.44 1.98 -1.53
CA VAL A 36 -3.54 0.90 -1.15
C VAL A 36 -2.23 1.50 -0.62
N LEU A 37 -1.65 2.37 -1.42
CA LEU A 37 -0.40 3.02 -1.04
C LEU A 37 -0.49 3.49 0.41
N ARG A 38 -1.40 4.45 0.62
CA ARG A 38 -1.60 4.99 1.96
C ARG A 38 -1.67 3.87 2.99
N ALA A 39 -2.45 2.85 2.64
CA ALA A 39 -2.62 1.71 3.53
C ALA A 39 -1.24 1.16 3.91
N MET A 40 -0.49 0.78 2.88
CA MET A 40 0.84 0.22 3.09
C MET A 40 1.72 1.21 3.85
N LYS A 41 1.59 2.48 3.47
CA LYS A 41 2.37 3.54 4.10
C LYS A 41 1.82 3.80 5.51
N LYS A 42 0.65 3.22 5.77
CA LYS A 42 0.01 3.40 7.06
C LYS A 42 0.30 2.18 7.93
N LYS A 43 -0.15 1.02 7.47
CA LYS A 43 0.06 -0.21 8.20
C LYS A 43 1.52 -0.63 8.07
N GLY A 44 2.11 -0.28 6.93
CA GLY A 44 3.50 -0.61 6.67
C GLY A 44 3.61 -1.67 5.57
N GLU A 45 4.28 -2.77 5.92
CA GLU A 45 4.47 -3.85 4.97
C GLU A 45 3.75 -5.11 5.46
N ASN A 46 2.55 -5.31 4.95
CA ASN A 46 1.75 -6.46 5.32
C ASN A 46 0.43 -6.45 4.54
N ILE A 47 0.35 -7.35 3.57
CA ILE A 47 -0.84 -7.46 2.75
C ILE A 47 -2.08 -7.48 3.65
N GLU A 48 -2.14 -8.50 4.49
CA GLU A 48 -3.25 -8.65 5.41
C GLU A 48 -3.65 -7.30 5.99
N GLN A 49 -2.70 -6.68 6.68
CA GLN A 49 -2.93 -5.38 7.28
C GLN A 49 -3.49 -4.40 6.25
N ILE A 50 -2.84 -4.37 5.09
CA ILE A 50 -3.26 -3.48 4.03
C ILE A 50 -4.72 -3.77 3.68
N LEU A 51 -5.05 -5.05 3.63
CA LEU A 51 -6.41 -5.46 3.32
C LEU A 51 -7.32 -5.12 4.50
N ASP A 52 -6.79 -5.31 5.70
CA ASP A 52 -7.55 -5.03 6.91
C ASP A 52 -7.85 -3.53 6.97
N TYR A 53 -6.83 -2.73 6.74
CA TYR A 53 -6.98 -1.29 6.77
C TYR A 53 -7.90 -0.81 5.64
N LEU A 54 -7.72 -1.42 4.48
CA LEU A 54 -8.53 -1.06 3.33
C LEU A 54 -10.01 -1.27 3.66
N PHE A 55 -10.35 -2.52 3.95
CA PHE A 55 -11.72 -2.87 4.29
C PHE A 55 -12.37 -1.77 5.13
N ALA A 56 -11.64 -1.34 6.15
CA ALA A 56 -12.14 -0.30 7.04
C ALA A 56 -12.84 0.78 6.20
N HIS A 57 -12.14 1.24 5.18
CA HIS A 57 -12.69 2.26 4.30
C HIS A 57 -13.54 1.61 3.21
N SER A 58 -12.95 0.66 2.52
CA SER A 58 -13.65 -0.06 1.46
C SER A 58 -14.98 -0.60 1.99
N GLY A 59 -15.86 -0.94 1.05
CA GLY A 59 -17.16 -1.47 1.41
C GLY A 59 -17.33 -2.90 0.88
N PRO A 60 -17.77 -2.99 -0.40
CA PRO A 60 -17.97 -4.28 -1.03
C PRO A 60 -16.65 -4.94 -1.40
N SER A 61 -16.72 -6.19 -1.80
CA SER A 61 -15.54 -6.94 -2.18
C SER A 61 -15.79 -7.70 -3.49
N SER A 62 -15.00 -7.34 -4.49
CA SER A 62 -15.13 -7.98 -5.80
C SER A 62 -14.00 -8.99 -6.00
N GLY A 63 -14.35 -10.27 -5.87
CA GLY A 63 -13.38 -11.33 -6.04
C GLY A 63 -12.08 -11.00 -5.31
N GLY A 1 25.61 6.35 -2.80
CA GLY A 1 24.44 5.65 -2.28
C GLY A 1 23.74 6.49 -1.22
N SER A 2 22.56 6.03 -0.83
CA SER A 2 21.77 6.72 0.18
C SER A 2 20.55 5.88 0.56
N SER A 3 19.74 5.59 -0.45
CA SER A 3 18.54 4.80 -0.24
C SER A 3 18.83 3.67 0.76
N GLY A 4 17.88 3.47 1.67
CA GLY A 4 18.02 2.43 2.67
C GLY A 4 16.74 2.30 3.50
N SER A 5 16.69 3.05 4.59
CA SER A 5 15.54 3.02 5.47
C SER A 5 15.06 4.45 5.76
N SER A 6 14.11 4.89 4.94
CA SER A 6 13.57 6.23 5.10
C SER A 6 12.32 6.40 4.23
N GLY A 7 11.27 6.92 4.83
CA GLY A 7 10.01 7.14 4.12
C GLY A 7 9.96 8.55 3.54
N ALA A 8 10.31 8.65 2.27
CA ALA A 8 10.29 9.92 1.58
C ALA A 8 9.46 9.81 0.30
N TYR A 9 8.70 10.86 0.03
CA TYR A 9 7.85 10.88 -1.15
C TYR A 9 8.62 10.41 -2.39
N SER A 10 9.93 10.65 -2.36
CA SER A 10 10.79 10.26 -3.46
C SER A 10 10.64 8.76 -3.73
N GLU A 11 10.37 8.02 -2.66
CA GLU A 11 10.21 6.58 -2.77
C GLU A 11 9.07 6.25 -3.74
N LEU A 12 7.93 6.88 -3.50
CA LEU A 12 6.77 6.66 -4.34
C LEU A 12 7.20 6.59 -5.80
N GLN A 13 7.98 7.59 -6.20
CA GLN A 13 8.47 7.65 -7.57
C GLN A 13 9.17 6.34 -7.94
N MET A 14 10.17 5.99 -7.15
CA MET A 14 10.92 4.78 -7.38
C MET A 14 10.82 3.83 -6.18
N LEU A 15 9.61 3.34 -5.95
CA LEU A 15 9.37 2.42 -4.85
C LEU A 15 10.29 1.21 -4.99
N SER A 16 10.09 0.25 -4.10
CA SER A 16 10.88 -0.96 -4.11
C SER A 16 10.11 -2.09 -4.80
N PRO A 17 10.78 -3.27 -4.91
CA PRO A 17 10.16 -4.42 -5.55
C PRO A 17 9.12 -5.06 -4.63
N SER A 18 9.30 -4.83 -3.34
CA SER A 18 8.37 -5.37 -2.35
C SER A 18 7.13 -4.48 -2.24
N GLU A 19 7.37 -3.18 -2.25
CA GLU A 19 6.28 -2.22 -2.15
C GLU A 19 5.49 -2.18 -3.45
N ARG A 20 6.23 -2.24 -4.55
CA ARG A 20 5.62 -2.21 -5.87
C ARG A 20 4.64 -3.39 -6.03
N GLN A 21 5.13 -4.57 -5.68
CA GLN A 21 4.32 -5.77 -5.78
C GLN A 21 3.14 -5.70 -4.80
N CYS A 22 3.42 -5.16 -3.62
CA CYS A 22 2.41 -5.02 -2.59
C CYS A 22 1.25 -4.20 -3.18
N VAL A 23 1.58 -3.00 -3.62
CA VAL A 23 0.58 -2.11 -4.19
C VAL A 23 -0.09 -2.80 -5.38
N GLU A 24 0.72 -3.08 -6.41
CA GLU A 24 0.21 -3.73 -7.60
C GLU A 24 -0.71 -4.89 -7.21
N THR A 25 -0.15 -5.82 -6.45
CA THR A 25 -0.90 -6.98 -6.01
C THR A 25 -2.32 -6.58 -5.63
N VAL A 26 -2.43 -5.75 -4.60
CA VAL A 26 -3.72 -5.29 -4.13
C VAL A 26 -4.46 -4.61 -5.28
N VAL A 27 -3.75 -3.70 -5.94
CA VAL A 27 -4.32 -2.98 -7.06
C VAL A 27 -4.91 -3.96 -8.07
N ASN A 28 -4.32 -5.15 -8.09
CA ASN A 28 -4.76 -6.19 -9.00
C ASN A 28 -5.97 -6.91 -8.39
N MET A 29 -5.97 -6.98 -7.06
CA MET A 29 -7.05 -7.62 -6.34
C MET A 29 -8.36 -6.86 -6.52
N GLY A 30 -8.24 -5.61 -6.92
CA GLY A 30 -9.40 -4.77 -7.13
C GLY A 30 -9.46 -3.64 -6.08
N TYR A 31 -8.41 -2.83 -6.08
CA TYR A 31 -8.33 -1.73 -5.15
C TYR A 31 -7.72 -0.49 -5.82
N SER A 32 -7.53 0.55 -5.01
CA SER A 32 -6.96 1.79 -5.50
C SER A 32 -5.45 1.81 -5.23
N TYR A 33 -4.78 2.72 -5.92
CA TYR A 33 -3.35 2.86 -5.77
C TYR A 33 -3.00 3.80 -4.60
N GLU A 34 -3.63 4.98 -4.63
CA GLU A 34 -3.40 5.96 -3.58
C GLU A 34 -3.72 5.37 -2.21
N CYS A 35 -4.91 4.81 -2.12
CA CYS A 35 -5.36 4.19 -0.86
C CYS A 35 -4.31 3.16 -0.44
N VAL A 36 -4.12 2.17 -1.30
CA VAL A 36 -3.16 1.12 -1.03
C VAL A 36 -1.84 1.75 -0.56
N LEU A 37 -1.40 2.73 -1.33
CA LEU A 37 -0.15 3.42 -1.00
C LEU A 37 -0.16 3.83 0.47
N ARG A 38 -1.04 4.78 0.78
CA ARG A 38 -1.15 5.26 2.15
C ARG A 38 -1.24 4.09 3.12
N ALA A 39 -2.17 3.18 2.84
CA ALA A 39 -2.36 2.01 3.68
C ALA A 39 -1.02 1.30 3.87
N MET A 40 -0.31 1.14 2.76
CA MET A 40 0.98 0.48 2.77
C MET A 40 1.96 1.23 3.67
N LYS A 41 2.01 2.53 3.47
CA LYS A 41 2.91 3.38 4.25
C LYS A 41 2.33 3.56 5.65
N LYS A 42 1.09 3.12 5.82
CA LYS A 42 0.42 3.23 7.09
C LYS A 42 0.67 1.96 7.91
N LYS A 43 0.18 0.85 7.36
CA LYS A 43 0.35 -0.44 8.03
C LYS A 43 1.77 -0.93 7.82
N GLY A 44 2.35 -0.55 6.69
CA GLY A 44 3.71 -0.94 6.37
C GLY A 44 3.72 -2.07 5.32
N GLU A 45 4.38 -3.16 5.69
CA GLU A 45 4.47 -4.30 4.80
C GLU A 45 3.68 -5.48 5.37
N ASN A 46 2.45 -5.62 4.90
CA ASN A 46 1.59 -6.70 5.36
C ASN A 46 0.27 -6.64 4.58
N ILE A 47 0.20 -7.47 3.55
CA ILE A 47 -1.00 -7.53 2.73
C ILE A 47 -2.23 -7.63 3.63
N GLU A 48 -2.15 -8.54 4.59
CA GLU A 48 -3.25 -8.75 5.52
C GLU A 48 -3.70 -7.40 6.10
N GLN A 49 -2.73 -6.67 6.65
CA GLN A 49 -3.01 -5.38 7.25
C GLN A 49 -3.57 -4.42 6.20
N ILE A 50 -2.77 -4.20 5.16
CA ILE A 50 -3.17 -3.31 4.09
C ILE A 50 -4.63 -3.60 3.70
N LEU A 51 -4.93 -4.89 3.59
CA LEU A 51 -6.27 -5.31 3.23
C LEU A 51 -7.23 -4.93 4.35
N ASP A 52 -6.90 -5.37 5.55
CA ASP A 52 -7.72 -5.07 6.72
C ASP A 52 -8.08 -3.59 6.72
N TYR A 53 -7.06 -2.77 6.56
CA TYR A 53 -7.25 -1.33 6.55
C TYR A 53 -8.11 -0.90 5.37
N LEU A 54 -7.82 -1.48 4.22
CA LEU A 54 -8.56 -1.18 3.00
C LEU A 54 -10.04 -1.46 3.24
N PHE A 55 -10.34 -2.73 3.45
CA PHE A 55 -11.71 -3.15 3.68
C PHE A 55 -12.47 -2.11 4.51
N ALA A 56 -11.85 -1.73 5.62
CA ALA A 56 -12.45 -0.76 6.52
C ALA A 56 -13.08 0.37 5.69
N HIS A 57 -12.24 1.01 4.89
CA HIS A 57 -12.71 2.10 4.04
C HIS A 57 -13.60 1.54 2.93
N SER A 58 -13.08 0.53 2.25
CA SER A 58 -13.83 -0.10 1.17
C SER A 58 -15.30 -0.25 1.55
N GLY A 59 -15.52 -0.89 2.70
CA GLY A 59 -16.86 -1.11 3.19
C GLY A 59 -17.34 -2.52 2.88
N PRO A 60 -18.59 -2.82 3.34
CA PRO A 60 -19.18 -4.14 3.11
C PRO A 60 -19.63 -4.29 1.67
N SER A 61 -18.67 -4.18 0.76
CA SER A 61 -18.96 -4.31 -0.66
C SER A 61 -17.96 -5.27 -1.31
N SER A 62 -18.39 -6.52 -1.46
CA SER A 62 -17.56 -7.54 -2.06
C SER A 62 -18.42 -8.70 -2.57
N GLY A 63 -17.82 -9.52 -3.41
CA GLY A 63 -18.52 -10.66 -3.97
C GLY A 63 -17.69 -11.95 -3.81
N GLY A 1 19.19 -6.39 7.52
CA GLY A 1 20.53 -6.81 7.16
C GLY A 1 21.55 -5.76 7.57
N SER A 2 21.77 -4.80 6.68
CA SER A 2 22.72 -3.72 6.94
C SER A 2 22.43 -2.54 6.04
N SER A 3 21.43 -1.76 6.43
CA SER A 3 21.04 -0.59 5.66
C SER A 3 20.15 0.32 6.52
N GLY A 4 20.08 1.58 6.12
CA GLY A 4 19.27 2.55 6.82
C GLY A 4 17.81 2.50 6.37
N SER A 5 16.93 2.91 7.26
CA SER A 5 15.51 2.92 6.95
C SER A 5 15.06 4.33 6.57
N SER A 6 15.20 4.64 5.30
CA SER A 6 14.82 5.95 4.78
C SER A 6 13.33 5.97 4.45
N GLY A 7 12.82 7.16 4.18
CA GLY A 7 11.42 7.33 3.84
C GLY A 7 11.13 8.75 3.38
N ALA A 8 10.53 8.85 2.20
CA ALA A 8 10.19 10.14 1.64
C ALA A 8 9.18 9.95 0.50
N TYR A 9 8.89 11.05 -0.17
CA TYR A 9 7.95 11.02 -1.29
C TYR A 9 8.66 10.65 -2.59
N SER A 10 9.96 10.86 -2.60
CA SER A 10 10.76 10.56 -3.78
C SER A 10 10.78 9.05 -4.01
N GLU A 11 10.67 8.30 -2.93
CA GLU A 11 10.68 6.85 -3.00
C GLU A 11 9.52 6.37 -3.88
N LEU A 12 8.37 7.00 -3.71
CA LEU A 12 7.20 6.65 -4.48
C LEU A 12 7.57 6.58 -5.96
N GLN A 13 8.16 7.65 -6.45
CA GLN A 13 8.57 7.71 -7.84
C GLN A 13 9.26 6.41 -8.26
N MET A 14 10.06 5.87 -7.35
CA MET A 14 10.77 4.64 -7.60
C MET A 14 10.64 3.68 -6.42
N LEU A 15 9.42 3.24 -6.18
CA LEU A 15 9.15 2.33 -5.09
C LEU A 15 10.10 1.13 -5.18
N SER A 16 9.92 0.20 -4.26
CA SER A 16 10.76 -0.99 -4.22
C SER A 16 10.02 -2.15 -4.89
N PRO A 17 10.74 -3.31 -4.98
CA PRO A 17 10.17 -4.50 -5.60
C PRO A 17 9.15 -5.16 -4.65
N SER A 18 9.35 -4.93 -3.36
CA SER A 18 8.46 -5.49 -2.37
C SER A 18 7.19 -4.66 -2.26
N GLU A 19 7.38 -3.34 -2.21
CA GLU A 19 6.26 -2.42 -2.11
C GLU A 19 5.45 -2.43 -3.41
N ARG A 20 6.16 -2.38 -4.52
CA ARG A 20 5.52 -2.39 -5.82
C ARG A 20 4.64 -3.63 -5.98
N GLN A 21 5.25 -4.78 -5.70
CA GLN A 21 4.53 -6.04 -5.80
C GLN A 21 3.36 -6.07 -4.82
N CYS A 22 3.55 -5.39 -3.70
CA CYS A 22 2.52 -5.33 -2.68
C CYS A 22 1.33 -4.56 -3.25
N VAL A 23 1.58 -3.30 -3.58
CA VAL A 23 0.55 -2.45 -4.13
C VAL A 23 -0.01 -3.08 -5.41
N GLU A 24 0.86 -3.23 -6.38
CA GLU A 24 0.47 -3.83 -7.65
C GLU A 24 -0.46 -5.02 -7.42
N THR A 25 -0.03 -5.89 -6.50
CA THR A 25 -0.80 -7.07 -6.17
C THR A 25 -2.25 -6.68 -5.83
N VAL A 26 -2.38 -5.78 -4.87
CA VAL A 26 -3.69 -5.32 -4.44
C VAL A 26 -4.35 -4.54 -5.59
N VAL A 27 -3.61 -3.57 -6.10
CA VAL A 27 -4.10 -2.75 -7.19
C VAL A 27 -4.68 -3.65 -8.28
N ASN A 28 -4.13 -4.85 -8.35
CA ASN A 28 -4.57 -5.82 -9.35
C ASN A 28 -5.76 -6.61 -8.81
N MET A 29 -5.74 -6.80 -7.49
CA MET A 29 -6.81 -7.53 -6.82
C MET A 29 -8.16 -6.84 -7.03
N GLY A 30 -8.12 -5.52 -7.07
CA GLY A 30 -9.32 -4.73 -7.26
C GLY A 30 -9.36 -3.53 -6.31
N TYR A 31 -8.26 -2.79 -6.31
CA TYR A 31 -8.15 -1.61 -5.46
C TYR A 31 -7.34 -0.51 -6.15
N SER A 32 -7.44 0.69 -5.60
CA SER A 32 -6.73 1.82 -6.14
C SER A 32 -5.27 1.81 -5.66
N TYR A 33 -4.51 2.76 -6.18
CA TYR A 33 -3.10 2.87 -5.83
C TYR A 33 -2.92 3.72 -4.56
N GLU A 34 -3.49 4.91 -4.61
CA GLU A 34 -3.41 5.83 -3.48
C GLU A 34 -3.83 5.12 -2.19
N CYS A 35 -5.06 4.63 -2.21
CA CYS A 35 -5.60 3.94 -1.05
C CYS A 35 -4.54 2.97 -0.52
N VAL A 36 -4.28 1.94 -1.31
CA VAL A 36 -3.29 0.95 -0.93
C VAL A 36 -2.02 1.65 -0.44
N LEU A 37 -1.53 2.56 -1.26
CA LEU A 37 -0.33 3.31 -0.93
C LEU A 37 -0.41 3.75 0.52
N ARG A 38 -1.38 4.62 0.80
CA ARG A 38 -1.57 5.14 2.14
C ARG A 38 -1.65 3.99 3.15
N ALA A 39 -2.43 2.98 2.77
CA ALA A 39 -2.60 1.82 3.63
C ALA A 39 -1.23 1.22 3.95
N MET A 40 -0.45 1.00 2.91
CA MET A 40 0.88 0.44 3.06
C MET A 40 1.78 1.40 3.84
N LYS A 41 1.69 2.67 3.48
CA LYS A 41 2.50 3.70 4.13
C LYS A 41 1.96 3.95 5.54
N LYS A 42 0.79 3.37 5.80
CA LYS A 42 0.14 3.53 7.09
C LYS A 42 0.42 2.30 7.95
N LYS A 43 -0.06 1.16 7.46
CA LYS A 43 0.13 -0.09 8.18
C LYS A 43 1.59 -0.54 8.03
N GLY A 44 2.18 -0.18 6.90
CA GLY A 44 3.56 -0.53 6.63
C GLY A 44 3.64 -1.56 5.49
N GLU A 45 4.32 -2.65 5.79
CA GLU A 45 4.49 -3.72 4.81
C GLU A 45 3.81 -4.99 5.30
N ASN A 46 2.60 -5.20 4.80
CA ASN A 46 1.83 -6.38 5.17
C ASN A 46 0.49 -6.38 4.42
N ILE A 47 0.41 -7.25 3.42
CA ILE A 47 -0.79 -7.35 2.62
C ILE A 47 -2.01 -7.39 3.53
N GLU A 48 -2.07 -8.44 4.34
CA GLU A 48 -3.19 -8.60 5.26
C GLU A 48 -3.58 -7.24 5.87
N GLN A 49 -2.60 -6.62 6.50
CA GLN A 49 -2.82 -5.32 7.13
C GLN A 49 -3.44 -4.35 6.13
N ILE A 50 -2.70 -4.10 5.07
CA ILE A 50 -3.17 -3.19 4.02
C ILE A 50 -4.63 -3.48 3.72
N LEU A 51 -4.93 -4.76 3.59
CA LEU A 51 -6.29 -5.18 3.30
C LEU A 51 -7.21 -4.80 4.47
N ASP A 52 -6.87 -5.32 5.64
CA ASP A 52 -7.64 -5.04 6.84
C ASP A 52 -8.00 -3.55 6.88
N TYR A 53 -6.98 -2.73 6.70
CA TYR A 53 -7.17 -1.29 6.70
C TYR A 53 -8.11 -0.85 5.58
N LEU A 54 -7.91 -1.45 4.42
CA LEU A 54 -8.73 -1.14 3.26
C LEU A 54 -10.21 -1.38 3.61
N PHE A 55 -10.52 -2.64 3.88
CA PHE A 55 -11.88 -3.01 4.21
C PHE A 55 -12.55 -1.93 5.08
N ALA A 56 -11.83 -1.53 6.12
CA ALA A 56 -12.34 -0.51 7.03
C ALA A 56 -13.00 0.60 6.21
N HIS A 57 -12.21 1.20 5.34
CA HIS A 57 -12.71 2.28 4.50
C HIS A 57 -13.70 1.71 3.47
N SER A 58 -13.24 0.71 2.74
CA SER A 58 -14.06 0.08 1.72
C SER A 58 -15.44 -0.23 2.31
N GLY A 59 -16.46 0.08 1.51
CA GLY A 59 -17.83 -0.17 1.93
C GLY A 59 -18.55 -1.10 0.95
N PRO A 60 -19.91 -1.00 0.95
CA PRO A 60 -20.71 -1.82 0.07
C PRO A 60 -20.63 -1.32 -1.38
N SER A 61 -20.15 -2.20 -2.25
CA SER A 61 -20.02 -1.85 -3.66
C SER A 61 -20.48 -3.03 -4.52
N SER A 62 -21.43 -2.74 -5.39
CA SER A 62 -21.97 -3.75 -6.28
C SER A 62 -23.03 -3.14 -7.21
N GLY A 63 -24.06 -2.58 -6.58
CA GLY A 63 -25.13 -1.95 -7.33
C GLY A 63 -24.85 -0.48 -7.58
N GLY A 1 8.64 0.70 11.60
CA GLY A 1 10.04 1.03 11.84
C GLY A 1 10.33 2.48 11.48
N SER A 2 11.16 3.11 12.31
CA SER A 2 11.52 4.50 12.11
C SER A 2 13.02 4.61 11.83
N SER A 3 13.38 4.33 10.58
CA SER A 3 14.78 4.40 10.18
C SER A 3 14.88 4.67 8.68
N GLY A 4 14.28 3.78 7.91
CA GLY A 4 14.30 3.89 6.46
C GLY A 4 15.70 4.27 5.96
N SER A 5 15.74 5.33 5.15
CA SER A 5 17.00 5.79 4.59
C SER A 5 16.91 7.28 4.30
N SER A 6 17.06 8.07 5.35
CA SER A 6 17.01 9.52 5.22
C SER A 6 15.83 9.92 4.32
N GLY A 7 14.66 9.97 4.92
CA GLY A 7 13.46 10.34 4.19
C GLY A 7 12.32 9.37 4.49
N ALA A 8 11.19 9.59 3.82
CA ALA A 8 10.03 8.74 4.01
C ALA A 8 9.14 8.84 2.76
N TYR A 9 8.72 10.05 2.46
CA TYR A 9 7.87 10.29 1.30
C TYR A 9 8.64 10.09 0.01
N SER A 10 9.95 10.37 0.07
CA SER A 10 10.81 10.23 -1.09
C SER A 10 10.72 8.81 -1.63
N GLU A 11 10.49 7.87 -0.72
CA GLU A 11 10.39 6.47 -1.10
C GLU A 11 9.24 6.27 -2.10
N LEU A 12 8.08 6.82 -1.74
CA LEU A 12 6.92 6.72 -2.59
C LEU A 12 7.34 6.90 -4.06
N GLN A 13 8.05 7.99 -4.29
CA GLN A 13 8.51 8.30 -5.64
C GLN A 13 9.20 7.07 -6.26
N MET A 14 10.18 6.57 -5.53
CA MET A 14 10.93 5.40 -5.99
C MET A 14 10.84 4.27 -4.98
N LEU A 15 9.63 3.75 -4.82
CA LEU A 15 9.39 2.66 -3.89
C LEU A 15 10.34 1.50 -4.23
N SER A 16 10.16 0.40 -3.52
CA SER A 16 10.97 -0.78 -3.73
C SER A 16 10.20 -1.82 -4.55
N PRO A 17 10.90 -2.95 -4.84
CA PRO A 17 10.29 -4.01 -5.62
C PRO A 17 9.29 -4.81 -4.77
N SER A 18 9.50 -4.76 -3.47
CA SER A 18 8.63 -5.47 -2.54
C SER A 18 7.36 -4.65 -2.29
N GLU A 19 7.56 -3.36 -2.03
CA GLU A 19 6.44 -2.47 -1.78
C GLU A 19 5.61 -2.29 -3.05
N ARG A 20 6.32 -2.11 -4.16
CA ARG A 20 5.65 -1.93 -5.44
C ARG A 20 4.81 -3.15 -5.79
N GLN A 21 5.39 -4.31 -5.55
CA GLN A 21 4.71 -5.57 -5.83
C GLN A 21 3.50 -5.74 -4.89
N CYS A 22 3.56 -5.02 -3.78
CA CYS A 22 2.49 -5.08 -2.80
C CYS A 22 1.26 -4.37 -3.39
N VAL A 23 1.46 -3.11 -3.73
CA VAL A 23 0.39 -2.31 -4.30
C VAL A 23 -0.13 -2.99 -5.57
N GLU A 24 0.76 -3.12 -6.54
CA GLU A 24 0.40 -3.74 -7.81
C GLU A 24 -0.51 -4.95 -7.56
N THR A 25 -0.08 -5.79 -6.62
CA THR A 25 -0.84 -6.98 -6.29
C THR A 25 -2.28 -6.61 -5.93
N VAL A 26 -2.42 -5.92 -4.80
CA VAL A 26 -3.72 -5.49 -4.33
C VAL A 26 -4.45 -4.75 -5.46
N VAL A 27 -3.71 -3.86 -6.10
CA VAL A 27 -4.27 -3.07 -7.20
C VAL A 27 -4.91 -4.02 -8.22
N ASN A 28 -4.34 -5.21 -8.30
CA ASN A 28 -4.84 -6.21 -9.23
C ASN A 28 -6.07 -6.90 -8.63
N MET A 29 -6.05 -7.02 -7.31
CA MET A 29 -7.15 -7.65 -6.60
C MET A 29 -8.43 -6.83 -6.75
N GLY A 30 -8.26 -5.55 -7.03
CA GLY A 30 -9.38 -4.66 -7.20
C GLY A 30 -9.33 -3.51 -6.19
N TYR A 31 -8.21 -2.78 -6.23
CA TYR A 31 -8.02 -1.66 -5.33
C TYR A 31 -7.24 -0.53 -6.02
N SER A 32 -7.32 0.64 -5.42
CA SER A 32 -6.63 1.80 -5.96
C SER A 32 -5.14 1.73 -5.62
N TYR A 33 -4.37 2.59 -6.28
CA TYR A 33 -2.93 2.63 -6.05
C TYR A 33 -2.59 3.55 -4.87
N GLU A 34 -3.14 4.75 -4.92
CA GLU A 34 -2.91 5.71 -3.86
C GLU A 34 -3.36 5.15 -2.51
N CYS A 35 -4.64 4.80 -2.46
CA CYS A 35 -5.21 4.25 -1.24
C CYS A 35 -4.25 3.18 -0.70
N VAL A 36 -4.08 2.14 -1.50
CA VAL A 36 -3.20 1.04 -1.12
C VAL A 36 -1.84 1.61 -0.69
N LEU A 37 -1.29 2.44 -1.56
CA LEU A 37 0.00 3.06 -1.29
C LEU A 37 0.01 3.61 0.14
N ARG A 38 -0.88 4.59 0.36
CA ARG A 38 -0.98 5.20 1.67
C ARG A 38 -1.17 4.14 2.75
N ALA A 39 -2.27 3.42 2.63
CA ALA A 39 -2.58 2.37 3.59
C ALA A 39 -1.33 1.56 3.88
N MET A 40 -0.58 1.29 2.82
CA MET A 40 0.65 0.52 2.95
C MET A 40 1.65 1.24 3.86
N LYS A 41 1.69 2.56 3.72
CA LYS A 41 2.60 3.37 4.52
C LYS A 41 2.04 3.49 5.94
N LYS A 42 0.76 3.18 6.08
CA LYS A 42 0.11 3.25 7.37
C LYS A 42 0.22 1.89 8.06
N LYS A 43 -0.31 0.88 7.39
CA LYS A 43 -0.28 -0.48 7.92
C LYS A 43 1.15 -1.03 7.82
N GLY A 44 1.85 -0.57 6.80
CA GLY A 44 3.22 -1.00 6.57
C GLY A 44 3.30 -1.98 5.40
N GLU A 45 4.05 -3.05 5.61
CA GLU A 45 4.22 -4.06 4.58
C GLU A 45 3.54 -5.37 5.00
N ASN A 46 2.33 -5.55 4.54
CA ASN A 46 1.57 -6.75 4.86
C ASN A 46 0.18 -6.66 4.22
N ILE A 47 0.04 -7.36 3.11
CA ILE A 47 -1.22 -7.37 2.38
C ILE A 47 -2.37 -7.44 3.38
N GLU A 48 -2.41 -8.55 4.12
CA GLU A 48 -3.45 -8.75 5.11
C GLU A 48 -3.74 -7.44 5.85
N GLN A 49 -2.70 -6.89 6.44
CA GLN A 49 -2.83 -5.65 7.19
C GLN A 49 -3.46 -4.56 6.30
N ILE A 50 -2.84 -4.37 5.14
CA ILE A 50 -3.31 -3.37 4.20
C ILE A 50 -4.82 -3.56 3.98
N LEU A 51 -5.18 -4.78 3.60
CA LEU A 51 -6.58 -5.10 3.35
C LEU A 51 -7.39 -4.77 4.61
N ASP A 52 -6.85 -5.15 5.75
CA ASP A 52 -7.51 -4.91 7.02
C ASP A 52 -7.91 -3.43 7.11
N TYR A 53 -6.94 -2.58 6.80
CA TYR A 53 -7.17 -1.14 6.83
C TYR A 53 -8.15 -0.71 5.75
N LEU A 54 -7.95 -1.26 4.56
CA LEU A 54 -8.80 -0.94 3.43
C LEU A 54 -10.25 -1.30 3.78
N PHE A 55 -10.46 -2.59 4.01
CA PHE A 55 -11.79 -3.07 4.36
C PHE A 55 -12.53 -2.08 5.27
N ALA A 56 -11.81 -1.62 6.28
CA ALA A 56 -12.38 -0.66 7.22
C ALA A 56 -13.21 0.37 6.45
N HIS A 57 -12.61 0.91 5.40
CA HIS A 57 -13.28 1.90 4.58
C HIS A 57 -14.06 1.20 3.47
N SER A 58 -13.37 0.33 2.74
CA SER A 58 -13.98 -0.40 1.66
C SER A 58 -14.87 0.53 0.82
N GLY A 59 -14.26 1.07 -0.23
CA GLY A 59 -14.96 1.98 -1.11
C GLY A 59 -14.46 3.41 -0.94
N PRO A 60 -13.43 3.76 -1.77
CA PRO A 60 -12.85 5.09 -1.71
C PRO A 60 -13.77 6.11 -2.38
N SER A 61 -14.31 5.73 -3.54
CA SER A 61 -15.20 6.61 -4.27
C SER A 61 -16.56 6.67 -3.57
N SER A 62 -16.75 7.73 -2.79
CA SER A 62 -17.99 7.92 -2.06
C SER A 62 -19.09 8.32 -3.02
N GLY A 63 -20.32 7.97 -2.66
CA GLY A 63 -21.48 8.29 -3.48
C GLY A 63 -22.77 8.08 -2.70
N GLY A 1 17.68 -3.98 -1.26
CA GLY A 1 16.75 -3.29 -0.38
C GLY A 1 17.39 -3.02 0.99
N SER A 2 16.62 -2.37 1.85
CA SER A 2 17.08 -2.06 3.19
C SER A 2 18.47 -1.41 3.11
N SER A 3 18.46 -0.08 3.03
CA SER A 3 19.71 0.67 2.96
C SER A 3 20.25 0.92 4.37
N GLY A 4 19.42 1.57 5.18
CA GLY A 4 19.80 1.88 6.54
C GLY A 4 19.14 3.18 7.01
N SER A 5 17.82 3.14 7.06
CA SER A 5 17.05 4.30 7.49
C SER A 5 15.60 3.91 7.75
N SER A 6 14.89 4.78 8.45
CA SER A 6 13.50 4.53 8.77
C SER A 6 12.65 4.59 7.49
N GLY A 7 12.73 5.73 6.82
CA GLY A 7 11.97 5.93 5.59
C GLY A 7 11.50 7.38 5.47
N ALA A 8 11.41 7.83 4.22
CA ALA A 8 10.99 9.19 3.95
C ALA A 8 10.04 9.19 2.75
N TYR A 9 9.16 10.18 2.71
CA TYR A 9 8.20 10.30 1.64
C TYR A 9 8.88 10.09 0.29
N SER A 10 10.10 10.57 0.18
CA SER A 10 10.86 10.43 -1.05
C SER A 10 10.79 8.99 -1.56
N GLU A 11 10.72 8.06 -0.62
CA GLU A 11 10.64 6.66 -0.96
C GLU A 11 9.50 6.42 -1.96
N LEU A 12 8.35 7.01 -1.66
CA LEU A 12 7.19 6.87 -2.52
C LEU A 12 7.61 7.09 -3.98
N GLN A 13 8.19 8.25 -4.23
CA GLN A 13 8.64 8.59 -5.56
C GLN A 13 9.30 7.39 -6.22
N MET A 14 10.14 6.71 -5.45
CA MET A 14 10.85 5.54 -5.94
C MET A 14 10.76 4.39 -4.95
N LEU A 15 9.54 3.87 -4.80
CA LEU A 15 9.31 2.77 -3.88
C LEU A 15 10.27 1.63 -4.22
N SER A 16 10.09 0.52 -3.50
CA SER A 16 10.94 -0.65 -3.71
C SER A 16 10.19 -1.70 -4.53
N PRO A 17 10.90 -2.82 -4.80
CA PRO A 17 10.31 -3.91 -5.57
C PRO A 17 9.31 -4.71 -4.73
N SER A 18 9.54 -4.69 -3.42
CA SER A 18 8.68 -5.40 -2.50
C SER A 18 7.39 -4.60 -2.27
N GLU A 19 7.57 -3.31 -2.01
CA GLU A 19 6.44 -2.44 -1.78
C GLU A 19 5.62 -2.26 -3.06
N ARG A 20 6.34 -2.04 -4.15
CA ARG A 20 5.69 -1.86 -5.44
C ARG A 20 4.88 -3.10 -5.81
N GLN A 21 5.48 -4.25 -5.54
CA GLN A 21 4.83 -5.52 -5.83
C GLN A 21 3.64 -5.74 -4.90
N CYS A 22 3.61 -4.95 -3.84
CA CYS A 22 2.53 -5.05 -2.86
C CYS A 22 1.30 -4.33 -3.43
N VAL A 23 1.48 -3.05 -3.70
CA VAL A 23 0.39 -2.24 -4.23
C VAL A 23 -0.17 -2.93 -5.49
N GLU A 24 0.71 -3.11 -6.46
CA GLU A 24 0.32 -3.75 -7.72
C GLU A 24 -0.61 -4.93 -7.43
N THR A 25 -0.14 -5.83 -6.60
CA THR A 25 -0.92 -7.01 -6.24
C THR A 25 -2.34 -6.61 -5.83
N VAL A 26 -2.40 -5.79 -4.79
CA VAL A 26 -3.69 -5.33 -4.29
C VAL A 26 -4.44 -4.62 -5.41
N VAL A 27 -3.74 -3.73 -6.09
CA VAL A 27 -4.34 -2.99 -7.19
C VAL A 27 -5.04 -3.96 -8.13
N ASN A 28 -4.52 -5.18 -8.17
CA ASN A 28 -5.08 -6.20 -9.03
C ASN A 28 -6.22 -6.91 -8.29
N MET A 29 -6.08 -6.97 -6.98
CA MET A 29 -7.09 -7.61 -6.14
C MET A 29 -8.43 -6.88 -6.26
N GLY A 30 -8.37 -5.65 -6.73
CA GLY A 30 -9.56 -4.84 -6.88
C GLY A 30 -9.58 -3.68 -5.88
N TYR A 31 -8.54 -2.87 -5.95
CA TYR A 31 -8.42 -1.73 -5.06
C TYR A 31 -7.78 -0.52 -5.78
N SER A 32 -7.63 0.55 -5.04
CA SER A 32 -7.04 1.76 -5.59
C SER A 32 -5.53 1.75 -5.36
N TYR A 33 -4.85 2.68 -6.04
CA TYR A 33 -3.41 2.78 -5.92
C TYR A 33 -3.02 3.69 -4.75
N GLU A 34 -3.45 4.93 -4.84
CA GLU A 34 -3.15 5.91 -3.80
C GLU A 34 -3.58 5.36 -2.43
N CYS A 35 -4.83 4.94 -2.36
CA CYS A 35 -5.37 4.40 -1.12
C CYS A 35 -4.43 3.29 -0.63
N VAL A 36 -4.36 2.24 -1.43
CA VAL A 36 -3.51 1.11 -1.09
C VAL A 36 -2.13 1.62 -0.66
N LEU A 37 -1.52 2.41 -1.53
CA LEU A 37 -0.21 2.97 -1.25
C LEU A 37 -0.18 3.48 0.19
N ARG A 38 -0.92 4.56 0.42
CA ARG A 38 -0.98 5.15 1.74
C ARG A 38 -1.12 4.06 2.81
N ALA A 39 -2.09 3.20 2.60
CA ALA A 39 -2.34 2.11 3.54
C ALA A 39 -1.03 1.38 3.81
N MET A 40 -0.40 0.92 2.73
CA MET A 40 0.85 0.20 2.86
C MET A 40 1.83 0.95 3.77
N LYS A 41 1.78 2.27 3.68
CA LYS A 41 2.65 3.11 4.50
C LYS A 41 2.11 3.16 5.93
N LYS A 42 0.78 3.05 6.03
CA LYS A 42 0.13 3.08 7.33
C LYS A 42 0.33 1.74 8.03
N LYS A 43 -0.12 0.69 7.36
CA LYS A 43 0.00 -0.65 7.91
C LYS A 43 1.45 -1.11 7.81
N GLY A 44 2.13 -0.61 6.79
CA GLY A 44 3.52 -0.96 6.57
C GLY A 44 3.66 -2.10 5.56
N GLU A 45 4.31 -3.16 6.00
CA GLU A 45 4.50 -4.33 5.15
C GLU A 45 3.71 -5.52 5.68
N ASN A 46 2.53 -5.71 5.10
CA ASN A 46 1.66 -6.80 5.51
C ASN A 46 0.35 -6.72 4.72
N ILE A 47 0.33 -7.43 3.61
CA ILE A 47 -0.85 -7.46 2.76
C ILE A 47 -2.10 -7.53 3.65
N GLU A 48 -2.15 -8.58 4.45
CA GLU A 48 -3.29 -8.79 5.34
C GLU A 48 -3.73 -7.46 5.94
N GLN A 49 -2.81 -6.81 6.64
CA GLN A 49 -3.09 -5.53 7.27
C GLN A 49 -3.65 -4.55 6.23
N ILE A 50 -2.85 -4.29 5.21
CA ILE A 50 -3.25 -3.38 4.16
C ILE A 50 -4.71 -3.63 3.79
N LEU A 51 -5.02 -4.91 3.60
CA LEU A 51 -6.37 -5.30 3.25
C LEU A 51 -7.32 -4.96 4.39
N ASP A 52 -6.94 -5.38 5.59
CA ASP A 52 -7.73 -5.12 6.78
C ASP A 52 -8.08 -3.63 6.84
N TYR A 53 -7.05 -2.81 6.64
CA TYR A 53 -7.23 -1.37 6.67
C TYR A 53 -8.12 -0.91 5.52
N LEU A 54 -7.77 -1.36 4.33
CA LEU A 54 -8.53 -1.00 3.13
C LEU A 54 -10.01 -1.27 3.38
N PHE A 55 -10.31 -2.52 3.67
CA PHE A 55 -11.68 -2.92 3.93
C PHE A 55 -12.41 -1.86 4.76
N ALA A 56 -11.76 -1.45 5.84
CA ALA A 56 -12.33 -0.45 6.73
C ALA A 56 -13.01 0.63 5.90
N HIS A 57 -12.22 1.26 5.04
CA HIS A 57 -12.73 2.32 4.19
C HIS A 57 -13.60 1.71 3.10
N SER A 58 -13.10 0.63 2.51
CA SER A 58 -13.81 -0.05 1.45
C SER A 58 -13.94 0.87 0.23
N GLY A 59 -14.90 1.79 0.33
CA GLY A 59 -15.14 2.73 -0.75
C GLY A 59 -16.62 2.78 -1.12
N PRO A 60 -16.88 3.00 -2.44
CA PRO A 60 -18.24 3.07 -2.93
C PRO A 60 -18.87 1.68 -3.01
N SER A 61 -19.20 1.15 -1.84
CA SER A 61 -19.81 -0.16 -1.75
C SER A 61 -18.72 -1.24 -1.75
N SER A 62 -17.95 -1.25 -2.83
CA SER A 62 -16.87 -2.23 -2.97
C SER A 62 -15.95 -1.82 -4.13
N GLY A 63 -14.67 -2.13 -3.95
CA GLY A 63 -13.68 -1.80 -4.96
C GLY A 63 -13.87 -2.66 -6.21
N GLY A 1 18.16 1.03 -0.78
CA GLY A 1 18.90 2.13 -0.20
C GLY A 1 18.21 2.66 1.06
N SER A 2 18.85 3.63 1.70
CA SER A 2 18.30 4.22 2.90
C SER A 2 18.28 5.75 2.76
N SER A 3 17.07 6.27 2.58
CA SER A 3 16.89 7.70 2.44
C SER A 3 16.36 8.31 3.75
N GLY A 4 17.07 9.32 4.22
CA GLY A 4 16.68 9.99 5.45
C GLY A 4 16.04 11.35 5.17
N SER A 5 16.88 12.31 4.81
CA SER A 5 16.40 13.65 4.51
C SER A 5 16.39 13.87 2.99
N SER A 6 15.51 14.75 2.56
CA SER A 6 15.39 15.07 1.15
C SER A 6 14.90 13.84 0.39
N GLY A 7 13.60 13.65 0.40
CA GLY A 7 12.99 12.52 -0.28
C GLY A 7 11.65 12.16 0.36
N ALA A 8 11.55 10.90 0.78
CA ALA A 8 10.34 10.41 1.41
C ALA A 8 9.30 10.10 0.32
N TYR A 9 8.94 11.14 -0.43
CA TYR A 9 7.97 11.00 -1.49
C TYR A 9 8.63 10.45 -2.76
N SER A 10 9.83 10.95 -3.02
CA SER A 10 10.56 10.53 -4.21
C SER A 10 10.50 9.01 -4.35
N GLU A 11 10.50 8.33 -3.21
CA GLU A 11 10.44 6.88 -3.20
C GLU A 11 9.24 6.40 -4.02
N LEU A 12 8.13 7.11 -3.88
CA LEU A 12 6.91 6.77 -4.60
C LEU A 12 7.23 6.68 -6.09
N GLN A 13 7.89 7.71 -6.60
CA GLN A 13 8.24 7.75 -8.01
C GLN A 13 8.93 6.45 -8.41
N MET A 14 9.81 5.98 -7.54
CA MET A 14 10.54 4.76 -7.79
C MET A 14 10.50 3.83 -6.58
N LEU A 15 9.30 3.35 -6.27
CA LEU A 15 9.12 2.46 -5.13
C LEU A 15 10.07 1.26 -5.27
N SER A 16 9.91 0.32 -4.36
CA SER A 16 10.74 -0.87 -4.37
C SER A 16 9.96 -2.05 -4.96
N PRO A 17 10.66 -3.21 -5.04
CA PRO A 17 10.05 -4.41 -5.60
C PRO A 17 9.06 -5.03 -4.61
N SER A 18 9.30 -4.74 -3.33
CA SER A 18 8.44 -5.26 -2.28
C SER A 18 7.19 -4.38 -2.13
N GLU A 19 7.39 -3.10 -2.38
CA GLU A 19 6.29 -2.15 -2.28
C GLU A 19 5.44 -2.18 -3.56
N ARG A 20 6.14 -2.25 -4.68
CA ARG A 20 5.47 -2.28 -5.96
C ARG A 20 4.55 -3.52 -6.05
N GLN A 21 5.12 -4.66 -5.70
CA GLN A 21 4.36 -5.90 -5.73
C GLN A 21 3.18 -5.83 -4.77
N CYS A 22 3.43 -5.23 -3.62
CA CYS A 22 2.39 -5.09 -2.61
C CYS A 22 1.23 -4.30 -3.21
N VAL A 23 1.56 -3.10 -3.69
CA VAL A 23 0.56 -2.25 -4.31
C VAL A 23 -0.10 -2.98 -5.48
N GLU A 24 0.71 -3.24 -6.49
CA GLU A 24 0.21 -3.93 -7.67
C GLU A 24 -0.73 -5.08 -7.27
N THR A 25 -0.20 -5.95 -6.43
CA THR A 25 -0.99 -7.08 -5.95
C THR A 25 -2.42 -6.65 -5.63
N VAL A 26 -2.52 -5.78 -4.63
CA VAL A 26 -3.83 -5.28 -4.23
C VAL A 26 -4.49 -4.57 -5.39
N VAL A 27 -3.74 -3.65 -5.99
CA VAL A 27 -4.24 -2.88 -7.12
C VAL A 27 -4.89 -3.83 -8.12
N ASN A 28 -4.36 -5.04 -8.18
CA ASN A 28 -4.88 -6.05 -9.08
C ASN A 28 -6.14 -6.68 -8.47
N MET A 29 -6.08 -6.88 -7.16
CA MET A 29 -7.20 -7.47 -6.45
C MET A 29 -8.49 -6.66 -6.67
N GLY A 30 -8.29 -5.43 -7.10
CA GLY A 30 -9.42 -4.53 -7.35
C GLY A 30 -9.45 -3.38 -6.34
N TYR A 31 -8.33 -2.68 -6.27
CA TYR A 31 -8.21 -1.56 -5.36
C TYR A 31 -7.45 -0.40 -6.01
N SER A 32 -7.42 0.71 -5.30
CA SER A 32 -6.73 1.90 -5.79
C SER A 32 -5.25 1.85 -5.40
N TYR A 33 -4.49 2.74 -6.01
CA TYR A 33 -3.06 2.81 -5.73
C TYR A 33 -2.78 3.72 -4.53
N GLU A 34 -3.28 4.94 -4.62
CA GLU A 34 -3.09 5.91 -3.55
C GLU A 34 -3.57 5.33 -2.22
N CYS A 35 -4.82 4.90 -2.22
CA CYS A 35 -5.41 4.33 -1.02
C CYS A 35 -4.46 3.26 -0.48
N VAL A 36 -4.31 2.20 -1.27
CA VAL A 36 -3.43 1.10 -0.89
C VAL A 36 -2.09 1.67 -0.41
N LEU A 37 -1.53 2.54 -1.22
CA LEU A 37 -0.26 3.16 -0.89
C LEU A 37 -0.29 3.65 0.56
N ARG A 38 -1.15 4.61 0.80
CA ARG A 38 -1.30 5.18 2.14
C ARG A 38 -1.33 4.06 3.18
N ALA A 39 -2.20 3.09 2.94
CA ALA A 39 -2.34 1.97 3.85
C ALA A 39 -0.99 1.29 4.02
N MET A 40 -0.26 1.20 2.91
CA MET A 40 1.05 0.57 2.93
C MET A 40 2.02 1.37 3.79
N LYS A 41 2.05 2.67 3.55
CA LYS A 41 2.93 3.55 4.29
C LYS A 41 2.34 3.80 5.69
N LYS A 42 1.10 3.37 5.85
CA LYS A 42 0.42 3.55 7.13
C LYS A 42 0.63 2.30 7.98
N LYS A 43 0.13 1.17 7.48
CA LYS A 43 0.25 -0.09 8.17
C LYS A 43 1.67 -0.63 8.00
N GLY A 44 2.25 -0.29 6.86
CA GLY A 44 3.61 -0.73 6.55
C GLY A 44 3.59 -1.85 5.50
N GLU A 45 4.30 -2.92 5.81
CA GLU A 45 4.38 -4.05 4.90
C GLU A 45 3.67 -5.26 5.51
N ASN A 46 2.41 -5.42 5.10
CA ASN A 46 1.60 -6.53 5.59
C ASN A 46 0.30 -6.59 4.79
N ILE A 47 0.32 -7.38 3.74
CA ILE A 47 -0.85 -7.55 2.89
C ILE A 47 -2.10 -7.61 3.77
N GLU A 48 -2.04 -8.46 4.78
CA GLU A 48 -3.15 -8.63 5.69
C GLU A 48 -3.64 -7.27 6.18
N GLN A 49 -2.75 -6.55 6.86
CA GLN A 49 -3.08 -5.24 7.37
C GLN A 49 -3.62 -4.35 6.26
N ILE A 50 -2.81 -4.17 5.23
CA ILE A 50 -3.19 -3.35 4.09
C ILE A 50 -4.62 -3.70 3.68
N LEU A 51 -4.90 -4.99 3.65
CA LEU A 51 -6.22 -5.47 3.26
C LEU A 51 -7.21 -5.14 4.38
N ASP A 52 -6.79 -5.40 5.61
CA ASP A 52 -7.63 -5.13 6.77
C ASP A 52 -8.01 -3.66 6.78
N TYR A 53 -7.01 -2.81 6.56
CA TYR A 53 -7.23 -1.38 6.55
C TYR A 53 -8.10 -0.97 5.36
N LEU A 54 -7.75 -1.51 4.20
CA LEU A 54 -8.50 -1.21 2.98
C LEU A 54 -9.97 -1.53 3.20
N PHE A 55 -10.25 -2.80 3.44
CA PHE A 55 -11.61 -3.25 3.66
C PHE A 55 -12.40 -2.21 4.47
N ALA A 56 -11.82 -1.80 5.59
CA ALA A 56 -12.45 -0.83 6.45
C ALA A 56 -13.07 0.28 5.60
N HIS A 57 -12.23 0.92 4.80
CA HIS A 57 -12.68 1.99 3.94
C HIS A 57 -13.56 1.42 2.83
N SER A 58 -13.01 0.42 2.14
CA SER A 58 -13.73 -0.22 1.06
C SER A 58 -14.02 0.78 -0.05
N GLY A 59 -13.13 0.82 -1.04
CA GLY A 59 -13.29 1.73 -2.15
C GLY A 59 -14.46 1.32 -3.04
N PRO A 60 -14.95 2.30 -3.85
CA PRO A 60 -16.06 2.04 -4.74
C PRO A 60 -15.61 1.24 -5.96
N SER A 61 -16.47 0.33 -6.38
CA SER A 61 -16.19 -0.52 -7.53
C SER A 61 -17.44 -0.71 -8.37
N SER A 62 -17.30 -0.47 -9.67
CA SER A 62 -18.41 -0.61 -10.59
C SER A 62 -17.90 -0.54 -12.03
N GLY A 63 -18.39 -1.47 -12.85
CA GLY A 63 -17.99 -1.53 -14.24
C GLY A 63 -19.20 -1.85 -15.14
N GLY A 1 13.21 -5.24 3.36
CA GLY A 1 13.15 -4.27 4.44
C GLY A 1 13.86 -2.97 4.05
N SER A 2 13.05 -1.95 3.82
CA SER A 2 13.57 -0.65 3.44
C SER A 2 13.09 0.41 4.43
N SER A 3 11.77 0.54 4.53
CA SER A 3 11.18 1.51 5.43
C SER A 3 11.62 1.22 6.87
N GLY A 4 12.14 2.27 7.51
CA GLY A 4 12.60 2.14 8.88
C GLY A 4 13.48 3.33 9.28
N SER A 5 14.61 3.44 8.59
CA SER A 5 15.54 4.53 8.86
C SER A 5 15.00 5.84 8.28
N SER A 6 14.75 5.82 6.99
CA SER A 6 14.23 6.99 6.31
C SER A 6 12.96 6.64 5.55
N GLY A 7 12.21 7.67 5.17
CA GLY A 7 10.98 7.48 4.45
C GLY A 7 10.39 8.81 4.00
N ALA A 8 10.43 9.04 2.70
CA ALA A 8 9.91 10.28 2.14
C ALA A 8 8.94 9.94 0.99
N TYR A 9 8.24 10.97 0.55
CA TYR A 9 7.29 10.80 -0.54
C TYR A 9 7.99 10.34 -1.82
N SER A 10 9.23 10.79 -1.97
CA SER A 10 10.02 10.43 -3.13
C SER A 10 9.93 8.92 -3.40
N GLU A 11 9.83 8.17 -2.31
CA GLU A 11 9.74 6.73 -2.39
C GLU A 11 8.58 6.33 -3.32
N LEU A 12 7.42 6.88 -3.03
CA LEU A 12 6.23 6.60 -3.82
C LEU A 12 6.61 6.56 -5.30
N GLN A 13 7.26 7.62 -5.75
CA GLN A 13 7.68 7.72 -7.13
C GLN A 13 8.44 6.46 -7.54
N MET A 14 9.53 6.20 -6.83
CA MET A 14 10.35 5.04 -7.11
C MET A 14 10.37 4.08 -5.92
N LEU A 15 9.20 3.51 -5.64
CA LEU A 15 9.06 2.59 -4.53
C LEU A 15 10.05 1.43 -4.72
N SER A 16 9.93 0.44 -3.84
CA SER A 16 10.80 -0.72 -3.90
C SER A 16 10.10 -1.87 -4.63
N PRO A 17 10.83 -3.01 -4.77
CA PRO A 17 10.29 -4.17 -5.43
C PRO A 17 9.28 -4.90 -4.53
N SER A 18 9.47 -4.73 -3.24
CA SER A 18 8.58 -5.36 -2.27
C SER A 18 7.30 -4.53 -2.13
N GLU A 19 7.48 -3.24 -1.89
CA GLU A 19 6.35 -2.34 -1.74
C GLU A 19 5.51 -2.32 -3.02
N ARG A 20 6.20 -2.29 -4.14
CA ARG A 20 5.53 -2.27 -5.44
C ARG A 20 4.63 -3.48 -5.59
N GLN A 21 5.26 -4.65 -5.61
CA GLN A 21 4.53 -5.90 -5.75
C GLN A 21 3.26 -5.87 -4.89
N CYS A 22 3.38 -5.19 -3.76
CA CYS A 22 2.26 -5.08 -2.83
C CYS A 22 1.19 -4.19 -3.47
N VAL A 23 1.64 -3.04 -3.95
CA VAL A 23 0.74 -2.10 -4.58
C VAL A 23 -0.03 -2.80 -5.71
N GLU A 24 0.72 -3.18 -6.74
CA GLU A 24 0.13 -3.86 -7.88
C GLU A 24 -0.84 -4.94 -7.41
N THR A 25 -0.30 -5.88 -6.65
CA THR A 25 -1.10 -6.97 -6.13
C THR A 25 -2.48 -6.47 -5.71
N VAL A 26 -2.48 -5.68 -4.64
CA VAL A 26 -3.72 -5.12 -4.12
C VAL A 26 -4.44 -4.37 -5.23
N VAL A 27 -3.67 -3.54 -5.93
CA VAL A 27 -4.22 -2.76 -7.03
C VAL A 27 -4.96 -3.67 -7.99
N ASN A 28 -4.51 -4.92 -8.05
CA ASN A 28 -5.12 -5.90 -8.92
C ASN A 28 -6.25 -6.61 -8.17
N MET A 29 -6.08 -6.71 -6.86
CA MET A 29 -7.07 -7.36 -6.02
C MET A 29 -8.43 -6.67 -6.15
N GLY A 30 -8.37 -5.36 -6.39
CA GLY A 30 -9.58 -4.57 -6.53
C GLY A 30 -9.55 -3.36 -5.62
N TYR A 31 -8.48 -2.59 -5.74
CA TYR A 31 -8.31 -1.40 -4.92
C TYR A 31 -7.59 -0.30 -5.71
N SER A 32 -7.64 0.91 -5.15
CA SER A 32 -7.00 2.04 -5.78
C SER A 32 -5.49 1.98 -5.58
N TYR A 33 -4.79 2.93 -6.18
CA TYR A 33 -3.34 2.99 -6.07
C TYR A 33 -2.92 3.77 -4.83
N GLU A 34 -3.46 4.97 -4.71
CA GLU A 34 -3.15 5.83 -3.58
C GLU A 34 -3.51 5.13 -2.27
N CYS A 35 -4.79 4.79 -2.16
CA CYS A 35 -5.30 4.12 -0.97
C CYS A 35 -4.28 3.04 -0.56
N VAL A 36 -3.96 2.19 -1.53
CA VAL A 36 -3.02 1.11 -1.29
C VAL A 36 -1.68 1.70 -0.83
N LEU A 37 -1.22 2.70 -1.58
CA LEU A 37 0.04 3.36 -1.27
C LEU A 37 0.01 3.81 0.20
N ARG A 38 -0.96 4.64 0.52
CA ARG A 38 -1.09 5.16 1.86
C ARG A 38 -1.25 4.00 2.86
N ALA A 39 -2.21 3.13 2.57
CA ALA A 39 -2.47 2.00 3.42
C ALA A 39 -1.16 1.26 3.69
N MET A 40 -0.34 1.16 2.64
CA MET A 40 0.93 0.49 2.75
C MET A 40 1.85 1.21 3.74
N LYS A 41 1.95 2.52 3.54
CA LYS A 41 2.79 3.34 4.41
C LYS A 41 2.10 3.53 5.75
N LYS A 42 0.84 3.13 5.80
CA LYS A 42 0.06 3.26 7.02
C LYS A 42 0.17 1.96 7.82
N LYS A 43 -0.31 0.88 7.22
CA LYS A 43 -0.27 -0.42 7.87
C LYS A 43 1.15 -0.97 7.80
N GLY A 44 1.85 -0.60 6.75
CA GLY A 44 3.22 -1.05 6.55
C GLY A 44 3.31 -2.05 5.40
N GLU A 45 4.09 -3.10 5.62
CA GLU A 45 4.28 -4.13 4.62
C GLU A 45 3.62 -5.43 5.08
N ASN A 46 2.40 -5.64 4.61
CA ASN A 46 1.65 -6.84 4.96
C ASN A 46 0.25 -6.76 4.35
N ILE A 47 0.09 -7.46 3.24
CA ILE A 47 -1.19 -7.48 2.56
C ILE A 47 -2.32 -7.57 3.59
N GLU A 48 -2.30 -8.64 4.35
CA GLU A 48 -3.31 -8.85 5.38
C GLU A 48 -3.60 -7.54 6.12
N GLN A 49 -2.54 -6.95 6.65
CA GLN A 49 -2.67 -5.70 7.38
C GLN A 49 -3.29 -4.63 6.49
N ILE A 50 -2.65 -4.39 5.36
CA ILE A 50 -3.14 -3.40 4.41
C ILE A 50 -4.62 -3.65 4.13
N LEU A 51 -4.90 -4.87 3.65
CA LEU A 51 -6.27 -5.25 3.34
C LEU A 51 -7.19 -4.85 4.50
N ASP A 52 -6.73 -5.17 5.70
CA ASP A 52 -7.51 -4.85 6.90
C ASP A 52 -7.93 -3.38 6.85
N TYR A 53 -6.95 -2.53 6.60
CA TYR A 53 -7.20 -1.09 6.54
C TYR A 53 -8.10 -0.76 5.34
N LEU A 54 -7.80 -1.41 4.22
CA LEU A 54 -8.57 -1.19 3.01
C LEU A 54 -10.04 -1.55 3.25
N PHE A 55 -10.25 -2.84 3.53
CA PHE A 55 -11.59 -3.33 3.80
C PHE A 55 -12.40 -2.32 4.59
N ALA A 56 -11.78 -1.82 5.65
CA ALA A 56 -12.44 -0.83 6.50
C ALA A 56 -13.22 0.15 5.63
N HIS A 57 -12.50 0.80 4.73
CA HIS A 57 -13.10 1.76 3.84
C HIS A 57 -13.82 1.03 2.70
N SER A 58 -13.09 0.13 2.06
CA SER A 58 -13.64 -0.64 0.96
C SER A 58 -13.97 0.29 -0.21
N GLY A 59 -14.18 -0.33 -1.37
CA GLY A 59 -14.48 0.42 -2.58
C GLY A 59 -15.49 -0.33 -3.44
N PRO A 60 -15.85 0.30 -4.59
CA PRO A 60 -16.79 -0.31 -5.52
C PRO A 60 -16.15 -1.46 -6.30
N SER A 61 -15.64 -2.42 -5.56
CA SER A 61 -15.00 -3.57 -6.16
C SER A 61 -15.25 -4.82 -5.31
N SER A 62 -15.44 -5.94 -5.99
CA SER A 62 -15.68 -7.20 -5.30
C SER A 62 -14.63 -8.23 -5.71
N GLY A 63 -13.97 -8.79 -4.71
CA GLY A 63 -12.93 -9.78 -4.95
C GLY A 63 -12.00 -9.90 -3.75
N GLY A 1 10.74 0.66 19.03
CA GLY A 1 9.76 1.62 18.57
C GLY A 1 9.48 1.43 17.07
N SER A 2 9.58 2.53 16.34
CA SER A 2 9.34 2.49 14.90
C SER A 2 9.60 3.88 14.30
N SER A 3 10.32 3.87 13.19
CA SER A 3 10.64 5.12 12.51
C SER A 3 11.52 4.83 11.28
N GLY A 4 11.04 5.29 10.14
CA GLY A 4 11.77 5.09 8.90
C GLY A 4 13.01 5.98 8.84
N SER A 5 13.55 6.11 7.63
CA SER A 5 14.74 6.93 7.44
C SER A 5 14.43 8.06 6.47
N SER A 6 13.77 9.09 6.99
CA SER A 6 13.41 10.24 6.19
C SER A 6 12.59 9.80 4.97
N GLY A 7 11.28 10.01 5.08
CA GLY A 7 10.39 9.64 4.00
C GLY A 7 10.30 10.75 2.96
N ALA A 8 10.70 10.40 1.74
CA ALA A 8 10.67 11.36 0.64
C ALA A 8 9.73 10.85 -0.45
N TYR A 9 8.85 11.73 -0.90
CA TYR A 9 7.90 11.39 -1.94
C TYR A 9 8.61 10.79 -3.15
N SER A 10 9.83 11.25 -3.37
CA SER A 10 10.62 10.77 -4.49
C SER A 10 10.67 9.24 -4.49
N GLU A 11 10.73 8.69 -3.29
CA GLU A 11 10.77 7.25 -3.13
C GLU A 11 9.62 6.59 -3.89
N LEU A 12 8.42 7.14 -3.68
CA LEU A 12 7.24 6.62 -4.34
C LEU A 12 7.53 6.43 -5.83
N GLN A 13 8.00 7.50 -6.45
CA GLN A 13 8.32 7.47 -7.87
C GLN A 13 9.03 6.16 -8.23
N MET A 14 9.86 5.70 -7.29
CA MET A 14 10.60 4.48 -7.48
C MET A 14 10.52 3.58 -6.25
N LEU A 15 9.30 3.13 -5.96
CA LEU A 15 9.08 2.28 -4.81
C LEU A 15 10.04 1.08 -4.87
N SER A 16 9.88 0.19 -3.91
CA SER A 16 10.72 -1.00 -3.85
C SER A 16 10.04 -2.16 -4.57
N PRO A 17 10.80 -3.28 -4.67
CA PRO A 17 10.28 -4.47 -5.34
C PRO A 17 9.27 -5.20 -4.44
N SER A 18 9.33 -4.90 -3.16
CA SER A 18 8.44 -5.51 -2.20
C SER A 18 7.16 -4.68 -2.08
N GLU A 19 7.32 -3.38 -2.15
CA GLU A 19 6.19 -2.47 -2.06
C GLU A 19 5.42 -2.44 -3.38
N ARG A 20 6.18 -2.47 -4.46
CA ARG A 20 5.58 -2.45 -5.79
C ARG A 20 4.67 -3.67 -5.99
N GLN A 21 5.25 -4.84 -5.71
CA GLN A 21 4.51 -6.07 -5.85
C GLN A 21 3.31 -6.09 -4.91
N CYS A 22 3.47 -5.42 -3.78
CA CYS A 22 2.41 -5.34 -2.79
C CYS A 22 1.26 -4.53 -3.38
N VAL A 23 1.54 -3.28 -3.68
CA VAL A 23 0.54 -2.39 -4.25
C VAL A 23 -0.02 -3.02 -5.52
N GLU A 24 0.86 -3.20 -6.49
CA GLU A 24 0.46 -3.80 -7.76
C GLU A 24 -0.55 -4.93 -7.53
N THR A 25 -0.14 -5.88 -6.72
CA THR A 25 -0.99 -7.01 -6.40
C THR A 25 -2.38 -6.53 -5.97
N VAL A 26 -2.41 -5.84 -4.85
CA VAL A 26 -3.66 -5.32 -4.32
C VAL A 26 -4.39 -4.53 -5.41
N VAL A 27 -3.68 -3.56 -5.97
CA VAL A 27 -4.24 -2.73 -7.02
C VAL A 27 -4.84 -3.64 -8.11
N ASN A 28 -4.24 -4.82 -8.24
CA ASN A 28 -4.70 -5.76 -9.24
C ASN A 28 -5.92 -6.52 -8.69
N MET A 29 -5.89 -6.76 -7.38
CA MET A 29 -6.98 -7.46 -6.73
C MET A 29 -8.29 -6.70 -6.88
N GLY A 30 -8.16 -5.39 -7.03
CA GLY A 30 -9.33 -4.54 -7.19
C GLY A 30 -9.32 -3.41 -6.16
N TYR A 31 -8.24 -2.64 -6.17
CA TYR A 31 -8.09 -1.52 -5.25
C TYR A 31 -7.39 -0.34 -5.92
N SER A 32 -7.44 0.80 -5.24
CA SER A 32 -6.81 2.00 -5.75
C SER A 32 -5.32 2.00 -5.42
N TYR A 33 -4.60 2.87 -6.10
CA TYR A 33 -3.16 2.97 -5.89
C TYR A 33 -2.86 3.89 -4.70
N GLU A 34 -3.51 5.04 -4.69
CA GLU A 34 -3.31 6.01 -3.63
C GLU A 34 -3.70 5.40 -2.28
N CYS A 35 -4.92 4.92 -2.22
CA CYS A 35 -5.42 4.31 -0.99
C CYS A 35 -4.42 3.26 -0.53
N VAL A 36 -4.28 2.22 -1.33
CA VAL A 36 -3.35 1.15 -1.02
C VAL A 36 -2.01 1.75 -0.59
N LEU A 37 -1.51 2.65 -1.42
CA LEU A 37 -0.25 3.31 -1.13
C LEU A 37 -0.23 3.78 0.32
N ARG A 38 -1.15 4.69 0.62
CA ARG A 38 -1.26 5.23 1.96
C ARG A 38 -1.41 4.10 2.98
N ALA A 39 -2.31 3.18 2.67
CA ALA A 39 -2.57 2.05 3.54
C ALA A 39 -1.24 1.36 3.87
N MET A 40 -0.45 1.14 2.84
CA MET A 40 0.84 0.50 3.01
C MET A 40 1.79 1.38 3.82
N LYS A 41 1.78 2.66 3.51
CA LYS A 41 2.63 3.61 4.20
C LYS A 41 2.06 3.87 5.61
N LYS A 42 0.84 3.39 5.81
CA LYS A 42 0.19 3.56 7.10
C LYS A 42 0.36 2.28 7.92
N LYS A 43 -0.18 1.19 7.41
CA LYS A 43 -0.10 -0.09 8.08
C LYS A 43 1.32 -0.64 7.93
N GLY A 44 1.95 -0.29 6.83
CA GLY A 44 3.31 -0.74 6.56
C GLY A 44 3.35 -1.70 5.37
N GLU A 45 4.16 -2.73 5.52
CA GLU A 45 4.30 -3.73 4.46
C GLU A 45 3.71 -5.07 4.92
N ASN A 46 2.47 -5.29 4.53
CA ASN A 46 1.78 -6.53 4.90
C ASN A 46 0.39 -6.53 4.26
N ILE A 47 0.24 -7.39 3.26
CA ILE A 47 -1.03 -7.50 2.56
C ILE A 47 -2.17 -7.50 3.58
N GLU A 48 -2.22 -8.56 4.38
CA GLU A 48 -3.24 -8.68 5.40
C GLU A 48 -3.52 -7.33 6.05
N GLN A 49 -2.47 -6.77 6.63
CA GLN A 49 -2.58 -5.48 7.30
C GLN A 49 -3.27 -4.47 6.37
N ILE A 50 -2.67 -4.29 5.20
CA ILE A 50 -3.21 -3.37 4.21
C ILE A 50 -4.71 -3.63 4.04
N LEU A 51 -5.02 -4.87 3.69
CA LEU A 51 -6.41 -5.26 3.49
C LEU A 51 -7.24 -4.85 4.71
N ASP A 52 -6.75 -5.23 5.88
CA ASP A 52 -7.43 -4.91 7.11
C ASP A 52 -7.85 -3.43 7.09
N TYR A 53 -6.89 -2.57 6.78
CA TYR A 53 -7.14 -1.15 6.72
C TYR A 53 -8.09 -0.81 5.56
N LEU A 54 -7.81 -1.40 4.41
CA LEU A 54 -8.62 -1.18 3.23
C LEU A 54 -10.08 -1.55 3.54
N PHE A 55 -10.27 -2.81 3.88
CA PHE A 55 -11.60 -3.30 4.21
C PHE A 55 -12.40 -2.25 4.97
N ALA A 56 -11.75 -1.69 6.00
CA ALA A 56 -12.39 -0.68 6.82
C ALA A 56 -13.19 0.27 5.93
N HIS A 57 -12.50 0.85 4.96
CA HIS A 57 -13.14 1.77 4.03
C HIS A 57 -13.90 0.99 2.97
N SER A 58 -13.19 0.06 2.33
CA SER A 58 -13.79 -0.77 1.30
C SER A 58 -14.52 -1.95 1.93
N GLY A 59 -15.81 -1.71 2.21
CA GLY A 59 -16.63 -2.74 2.81
C GLY A 59 -18.05 -2.73 2.23
N PRO A 60 -18.77 -3.86 2.43
CA PRO A 60 -20.12 -3.99 1.94
C PRO A 60 -21.10 -3.18 2.79
N SER A 61 -21.01 -1.86 2.65
CA SER A 61 -21.87 -0.96 3.40
C SER A 61 -22.45 0.10 2.47
N SER A 62 -21.55 0.80 1.80
CA SER A 62 -21.95 1.85 0.88
C SER A 62 -22.44 1.24 -0.43
N GLY A 63 -21.56 0.46 -1.05
CA GLY A 63 -21.88 -0.19 -2.31
C GLY A 63 -23.16 -1.02 -2.18
N GLY A 1 11.09 -2.79 8.87
CA GLY A 1 12.35 -2.05 8.76
C GLY A 1 12.09 -0.61 8.33
N SER A 2 12.03 0.28 9.32
CA SER A 2 11.80 1.68 9.05
C SER A 2 12.41 2.53 10.18
N SER A 3 13.70 2.80 10.04
CA SER A 3 14.40 3.60 11.02
C SER A 3 15.34 4.59 10.33
N GLY A 4 14.77 5.72 9.92
CA GLY A 4 15.56 6.75 9.24
C GLY A 4 14.67 7.91 8.83
N SER A 5 14.82 8.31 7.57
CA SER A 5 14.05 9.42 7.04
C SER A 5 12.56 9.23 7.36
N SER A 6 11.88 10.34 7.55
CA SER A 6 10.45 10.31 7.87
C SER A 6 9.68 9.65 6.73
N GLY A 7 9.81 10.23 5.54
CA GLY A 7 9.13 9.72 4.37
C GLY A 7 9.27 10.67 3.19
N ALA A 8 9.65 10.10 2.06
CA ALA A 8 9.83 10.88 0.84
C ALA A 8 8.77 10.47 -0.19
N TYR A 9 8.60 11.33 -1.19
CA TYR A 9 7.63 11.07 -2.23
C TYR A 9 8.30 10.40 -3.44
N SER A 10 9.51 10.87 -3.74
CA SER A 10 10.26 10.32 -4.86
C SER A 10 10.14 8.80 -4.88
N GLU A 11 10.21 8.21 -3.69
CA GLU A 11 10.12 6.77 -3.57
C GLU A 11 8.96 6.24 -4.41
N LEU A 12 7.81 6.91 -4.28
CA LEU A 12 6.63 6.51 -5.02
C LEU A 12 6.99 6.32 -6.49
N GLN A 13 7.64 7.33 -7.05
CA GLN A 13 8.06 7.28 -8.44
C GLN A 13 8.78 5.96 -8.73
N MET A 14 9.73 5.63 -7.87
CA MET A 14 10.49 4.41 -8.04
C MET A 14 10.44 3.56 -6.76
N LEU A 15 9.25 3.08 -6.45
CA LEU A 15 9.06 2.27 -5.27
C LEU A 15 10.03 1.08 -5.30
N SER A 16 9.88 0.20 -4.33
CA SER A 16 10.72 -0.97 -4.23
C SER A 16 10.02 -2.17 -4.86
N PRO A 17 10.74 -3.32 -4.87
CA PRO A 17 10.20 -4.56 -5.43
C PRO A 17 9.16 -5.17 -4.49
N SER A 18 9.28 -4.81 -3.22
CA SER A 18 8.37 -5.33 -2.21
C SER A 18 7.11 -4.46 -2.16
N GLU A 19 7.32 -3.16 -2.32
CA GLU A 19 6.21 -2.22 -2.30
C GLU A 19 5.43 -2.27 -3.62
N ARG A 20 6.18 -2.36 -4.71
CA ARG A 20 5.58 -2.41 -6.02
C ARG A 20 4.62 -3.61 -6.12
N GLN A 21 5.11 -4.76 -5.66
CA GLN A 21 4.31 -5.96 -5.69
C GLN A 21 3.08 -5.81 -4.78
N CYS A 22 3.33 -5.25 -3.61
CA CYS A 22 2.26 -5.04 -2.64
C CYS A 22 1.15 -4.24 -3.32
N VAL A 23 1.52 -3.06 -3.80
CA VAL A 23 0.56 -2.20 -4.47
C VAL A 23 -0.06 -2.96 -5.65
N GLU A 24 0.76 -3.20 -6.65
CA GLU A 24 0.31 -3.90 -7.85
C GLU A 24 -0.65 -5.03 -7.45
N THR A 25 -0.17 -5.89 -6.57
CA THR A 25 -0.98 -7.02 -6.12
C THR A 25 -2.40 -6.55 -5.79
N VAL A 26 -2.50 -5.76 -4.73
CA VAL A 26 -3.79 -5.25 -4.31
C VAL A 26 -4.46 -4.53 -5.48
N VAL A 27 -3.74 -3.57 -6.04
CA VAL A 27 -4.25 -2.80 -7.16
C VAL A 27 -4.84 -3.77 -8.21
N ASN A 28 -4.25 -4.96 -8.25
CA ASN A 28 -4.71 -5.97 -9.18
C ASN A 28 -5.95 -6.67 -8.63
N MET A 29 -5.93 -6.88 -7.32
CA MET A 29 -7.04 -7.53 -6.65
C MET A 29 -8.34 -6.77 -6.88
N GLY A 30 -8.20 -5.46 -7.09
CA GLY A 30 -9.35 -4.61 -7.32
C GLY A 30 -9.41 -3.48 -6.30
N TYR A 31 -8.31 -2.75 -6.22
CA TYR A 31 -8.22 -1.64 -5.29
C TYR A 31 -7.60 -0.41 -5.96
N SER A 32 -7.44 0.65 -5.17
CA SER A 32 -6.86 1.88 -5.67
C SER A 32 -5.37 1.92 -5.37
N TYR A 33 -4.69 2.85 -6.03
CA TYR A 33 -3.26 3.00 -5.84
C TYR A 33 -2.97 3.94 -4.67
N GLU A 34 -3.57 5.11 -4.71
CA GLU A 34 -3.37 6.09 -3.66
C GLU A 34 -3.73 5.51 -2.30
N CYS A 35 -4.91 4.91 -2.24
CA CYS A 35 -5.38 4.30 -1.01
C CYS A 35 -4.34 3.27 -0.56
N VAL A 36 -4.14 2.27 -1.42
CA VAL A 36 -3.19 1.22 -1.12
C VAL A 36 -1.87 1.85 -0.64
N LEU A 37 -1.40 2.80 -1.42
CA LEU A 37 -0.16 3.49 -1.07
C LEU A 37 -0.19 3.89 0.40
N ARG A 38 -1.17 4.72 0.74
CA ARG A 38 -1.32 5.18 2.11
C ARG A 38 -1.42 4.00 3.07
N ALA A 39 -2.34 3.10 2.75
CA ALA A 39 -2.54 1.91 3.58
C ALA A 39 -1.20 1.23 3.82
N MET A 40 -0.45 1.05 2.75
CA MET A 40 0.86 0.42 2.85
C MET A 40 1.76 1.18 3.81
N LYS A 41 1.76 2.50 3.65
CA LYS A 41 2.58 3.35 4.50
C LYS A 41 1.94 3.45 5.88
N LYS A 42 0.68 3.03 5.95
CA LYS A 42 -0.05 3.08 7.21
C LYS A 42 0.20 1.79 7.98
N LYS A 43 -0.23 0.68 7.37
CA LYS A 43 -0.07 -0.62 7.99
C LYS A 43 1.41 -1.04 7.90
N GLY A 44 2.06 -0.59 6.83
CA GLY A 44 3.45 -0.91 6.61
C GLY A 44 3.60 -2.01 5.55
N GLU A 45 4.28 -3.07 5.97
CA GLU A 45 4.50 -4.19 5.07
C GLU A 45 3.76 -5.43 5.57
N ASN A 46 2.58 -5.65 5.02
CA ASN A 46 1.76 -6.78 5.42
C ASN A 46 0.43 -6.73 4.68
N ILE A 47 0.38 -7.46 3.56
CA ILE A 47 -0.84 -7.50 2.76
C ILE A 47 -2.06 -7.57 3.68
N GLU A 48 -2.05 -8.55 4.55
CA GLU A 48 -3.14 -8.74 5.49
C GLU A 48 -3.52 -7.41 6.14
N GLN A 49 -2.58 -6.87 6.90
CA GLN A 49 -2.80 -5.61 7.57
C GLN A 49 -3.37 -4.58 6.60
N ILE A 50 -2.63 -4.36 5.52
CA ILE A 50 -3.05 -3.41 4.50
C ILE A 50 -4.52 -3.66 4.16
N LEU A 51 -4.85 -4.92 3.97
CA LEU A 51 -6.21 -5.30 3.63
C LEU A 51 -7.14 -4.90 4.78
N ASP A 52 -6.72 -5.19 6.00
CA ASP A 52 -7.50 -4.87 7.18
C ASP A 52 -7.89 -3.39 7.12
N TYR A 53 -6.89 -2.56 6.85
CA TYR A 53 -7.11 -1.13 6.77
C TYR A 53 -7.97 -0.77 5.55
N LEU A 54 -7.65 -1.41 4.44
CA LEU A 54 -8.38 -1.16 3.20
C LEU A 54 -9.86 -1.50 3.43
N PHE A 55 -10.10 -2.76 3.78
CA PHE A 55 -11.46 -3.22 4.02
C PHE A 55 -12.30 -2.14 4.69
N ALA A 56 -11.70 -1.54 5.72
CA ALA A 56 -12.38 -0.49 6.47
C ALA A 56 -13.11 0.43 5.49
N HIS A 57 -12.35 0.98 4.56
CA HIS A 57 -12.92 1.88 3.56
C HIS A 57 -13.64 1.06 2.49
N SER A 58 -12.90 0.10 1.93
CA SER A 58 -13.46 -0.75 0.89
C SER A 58 -13.87 0.10 -0.32
N GLY A 59 -13.82 -0.52 -1.49
CA GLY A 59 -14.19 0.15 -2.71
C GLY A 59 -15.57 -0.28 -3.19
N PRO A 60 -16.20 0.59 -4.03
CA PRO A 60 -17.53 0.31 -4.55
C PRO A 60 -17.46 -0.74 -5.65
N SER A 61 -18.59 -1.42 -5.85
CA SER A 61 -18.67 -2.45 -6.87
C SER A 61 -19.57 -1.98 -8.01
N SER A 62 -19.15 -2.33 -9.23
CA SER A 62 -19.90 -1.95 -10.41
C SER A 62 -19.74 -0.45 -10.68
N GLY A 63 -20.14 0.34 -9.70
CA GLY A 63 -20.05 1.78 -9.81
C GLY A 63 -19.15 2.37 -8.72
N GLY A 1 12.53 0.22 11.94
CA GLY A 1 12.91 1.62 11.85
C GLY A 1 13.98 1.96 12.90
N SER A 2 14.76 2.97 12.58
CA SER A 2 15.82 3.41 13.48
C SER A 2 15.58 4.87 13.90
N SER A 3 14.91 5.03 15.02
CA SER A 3 14.61 6.36 15.53
C SER A 3 14.14 7.26 14.39
N GLY A 4 12.85 7.13 14.09
CA GLY A 4 12.26 7.94 13.02
C GLY A 4 11.98 7.08 11.79
N SER A 5 10.90 7.41 11.11
CA SER A 5 10.50 6.69 9.91
C SER A 5 10.92 7.49 8.67
N SER A 6 12.20 7.39 8.33
CA SER A 6 12.72 8.09 7.17
C SER A 6 11.96 7.68 5.93
N GLY A 7 11.86 8.61 4.99
CA GLY A 7 11.16 8.35 3.74
C GLY A 7 11.15 9.59 2.85
N ALA A 8 10.57 9.44 1.68
CA ALA A 8 10.49 10.53 0.73
C ALA A 8 9.55 10.15 -0.42
N TYR A 9 9.07 11.17 -1.12
CA TYR A 9 8.17 10.95 -2.24
C TYR A 9 8.90 10.28 -3.41
N SER A 10 10.14 10.71 -3.61
CA SER A 10 10.96 10.17 -4.69
C SER A 10 10.85 8.64 -4.70
N GLU A 11 10.80 8.07 -3.51
CA GLU A 11 10.71 6.62 -3.38
C GLU A 11 9.55 6.09 -4.23
N LEU A 12 8.45 6.82 -4.19
CA LEU A 12 7.27 6.43 -4.94
C LEU A 12 7.65 6.24 -6.41
N GLN A 13 8.29 7.25 -6.96
CA GLN A 13 8.71 7.21 -8.35
C GLN A 13 9.38 5.88 -8.65
N MET A 14 10.16 5.40 -7.69
CA MET A 14 10.86 4.14 -7.85
C MET A 14 10.75 3.29 -6.58
N LEU A 15 9.53 2.88 -6.28
CA LEU A 15 9.28 2.05 -5.11
C LEU A 15 10.23 0.86 -5.11
N SER A 16 10.07 0.02 -4.11
CA SER A 16 10.90 -1.18 -3.98
C SER A 16 10.22 -2.36 -4.65
N PRO A 17 10.93 -3.52 -4.62
CA PRO A 17 10.41 -4.75 -5.21
C PRO A 17 9.31 -5.36 -4.34
N SER A 18 9.39 -5.05 -3.05
CA SER A 18 8.42 -5.57 -2.09
C SER A 18 7.16 -4.68 -2.11
N GLU A 19 7.40 -3.39 -2.24
CA GLU A 19 6.30 -2.43 -2.26
C GLU A 19 5.61 -2.45 -3.63
N ARG A 20 6.42 -2.51 -4.67
CA ARG A 20 5.90 -2.55 -6.03
C ARG A 20 4.88 -3.68 -6.18
N GLN A 21 5.26 -4.84 -5.67
CA GLN A 21 4.39 -6.01 -5.73
C GLN A 21 3.18 -5.82 -4.83
N CYS A 22 3.43 -5.26 -3.66
CA CYS A 22 2.36 -5.02 -2.70
C CYS A 22 1.32 -4.12 -3.36
N VAL A 23 1.79 -2.98 -3.84
CA VAL A 23 0.91 -2.02 -4.48
C VAL A 23 0.16 -2.72 -5.61
N GLU A 24 0.89 -3.01 -6.69
CA GLU A 24 0.31 -3.67 -7.83
C GLU A 24 -0.71 -4.73 -7.38
N THR A 25 -0.22 -5.66 -6.57
CA THR A 25 -1.06 -6.73 -6.06
C THR A 25 -2.42 -6.17 -5.63
N VAL A 26 -2.41 -5.48 -4.50
CA VAL A 26 -3.63 -4.89 -3.97
C VAL A 26 -4.37 -4.15 -5.10
N VAL A 27 -3.64 -3.26 -5.75
CA VAL A 27 -4.21 -2.48 -6.84
C VAL A 27 -4.88 -3.43 -7.84
N ASN A 28 -4.37 -4.65 -7.87
CA ASN A 28 -4.89 -5.67 -8.78
C ASN A 28 -6.07 -6.38 -8.10
N MET A 29 -6.04 -6.40 -6.78
CA MET A 29 -7.09 -7.04 -6.01
C MET A 29 -8.41 -6.27 -6.15
N GLY A 30 -8.29 -5.01 -6.51
CA GLY A 30 -9.45 -4.16 -6.68
C GLY A 30 -9.40 -2.94 -5.75
N TYR A 31 -8.36 -2.15 -5.93
CA TYR A 31 -8.18 -0.96 -5.11
C TYR A 31 -7.46 0.14 -5.90
N SER A 32 -7.52 1.35 -5.36
CA SER A 32 -6.89 2.49 -5.99
C SER A 32 -5.45 2.63 -5.50
N TYR A 33 -4.55 2.79 -6.46
CA TYR A 33 -3.13 2.94 -6.14
C TYR A 33 -2.93 3.77 -4.86
N GLU A 34 -3.51 4.96 -4.88
CA GLU A 34 -3.41 5.85 -3.74
C GLU A 34 -3.73 5.10 -2.44
N CYS A 35 -5.00 4.70 -2.32
CA CYS A 35 -5.44 3.98 -1.16
C CYS A 35 -4.38 2.94 -0.80
N VAL A 36 -4.11 2.07 -1.76
CA VAL A 36 -3.12 1.01 -1.55
C VAL A 36 -1.85 1.63 -0.95
N LEU A 37 -1.38 2.68 -1.60
CA LEU A 37 -0.18 3.36 -1.14
C LEU A 37 -0.36 3.75 0.33
N ARG A 38 -1.17 4.79 0.54
CA ARG A 38 -1.42 5.27 1.89
C ARG A 38 -1.60 4.09 2.85
N ALA A 39 -2.44 3.16 2.46
CA ALA A 39 -2.70 1.99 3.28
C ALA A 39 -1.39 1.28 3.59
N MET A 40 -0.59 1.10 2.54
CA MET A 40 0.69 0.45 2.69
C MET A 40 1.59 1.21 3.66
N LYS A 41 1.68 2.52 3.43
CA LYS A 41 2.50 3.36 4.28
C LYS A 41 1.80 3.56 5.63
N LYS A 42 0.55 3.12 5.68
CA LYS A 42 -0.24 3.24 6.89
C LYS A 42 -0.07 1.97 7.73
N LYS A 43 -0.51 0.87 7.15
CA LYS A 43 -0.43 -0.42 7.83
C LYS A 43 1.02 -0.91 7.80
N GLY A 44 1.72 -0.53 6.75
CA GLY A 44 3.11 -0.92 6.58
C GLY A 44 3.27 -1.95 5.46
N GLU A 45 4.08 -2.96 5.74
CA GLU A 45 4.32 -4.02 4.77
C GLU A 45 3.70 -5.33 5.24
N ASN A 46 2.50 -5.59 4.76
CA ASN A 46 1.79 -6.80 5.13
C ASN A 46 0.40 -6.79 4.48
N ILE A 47 0.27 -7.55 3.41
CA ILE A 47 -0.99 -7.64 2.70
C ILE A 47 -2.14 -7.69 3.71
N GLU A 48 -2.13 -8.74 4.51
CA GLU A 48 -3.16 -8.92 5.52
C GLU A 48 -3.49 -7.58 6.18
N GLN A 49 -2.47 -6.99 6.78
CA GLN A 49 -2.63 -5.71 7.45
C GLN A 49 -3.28 -4.69 6.51
N ILE A 50 -2.58 -4.43 5.41
CA ILE A 50 -3.08 -3.47 4.43
C ILE A 50 -4.56 -3.73 4.17
N LEU A 51 -4.85 -4.96 3.77
CA LEU A 51 -6.22 -5.35 3.48
C LEU A 51 -7.12 -4.93 4.66
N ASP A 52 -6.65 -5.23 5.85
CA ASP A 52 -7.39 -4.89 7.06
C ASP A 52 -7.84 -3.42 6.98
N TYR A 53 -6.87 -2.56 6.70
CA TYR A 53 -7.16 -1.14 6.59
C TYR A 53 -8.09 -0.85 5.41
N LEU A 54 -7.75 -1.43 4.27
CA LEU A 54 -8.55 -1.24 3.07
C LEU A 54 -10.00 -1.65 3.36
N PHE A 55 -10.17 -2.90 3.75
CA PHE A 55 -11.49 -3.42 4.05
C PHE A 55 -12.33 -2.36 4.77
N ALA A 56 -11.76 -1.79 5.82
CA ALA A 56 -12.45 -0.78 6.60
C ALA A 56 -13.20 0.16 5.64
N HIS A 57 -12.43 0.78 4.75
CA HIS A 57 -13.00 1.70 3.79
C HIS A 57 -13.85 0.93 2.78
N SER A 58 -13.24 -0.09 2.19
CA SER A 58 -13.93 -0.91 1.20
C SER A 58 -14.31 -0.06 -0.01
N GLY A 59 -13.92 -0.54 -1.17
CA GLY A 59 -14.22 0.16 -2.41
C GLY A 59 -15.55 -0.32 -3.01
N PRO A 60 -15.60 -0.33 -4.37
CA PRO A 60 -16.79 -0.76 -5.06
C PRO A 60 -16.93 -2.28 -5.01
N SER A 61 -17.19 -2.79 -3.82
CA SER A 61 -17.35 -4.22 -3.63
C SER A 61 -16.10 -4.95 -4.13
N SER A 62 -15.20 -5.23 -3.19
CA SER A 62 -13.98 -5.92 -3.52
C SER A 62 -14.27 -7.08 -4.49
N GLY A 63 -13.48 -7.14 -5.55
CA GLY A 63 -13.64 -8.18 -6.55
C GLY A 63 -14.55 -7.71 -7.68
N GLY A 1 21.24 -4.19 6.89
CA GLY A 1 20.12 -3.45 6.33
C GLY A 1 18.79 -3.97 6.89
N SER A 2 17.98 -3.03 7.38
CA SER A 2 16.69 -3.37 7.93
C SER A 2 15.84 -2.11 8.08
N SER A 3 16.37 -1.17 8.86
CA SER A 3 15.66 0.08 9.09
C SER A 3 16.47 1.25 8.51
N GLY A 4 15.82 2.02 7.65
CA GLY A 4 16.47 3.16 7.03
C GLY A 4 16.83 4.22 8.07
N SER A 5 16.36 5.42 7.83
CA SER A 5 16.64 6.53 8.73
C SER A 5 15.49 7.56 8.66
N SER A 6 15.21 7.99 7.44
CA SER A 6 14.17 8.98 7.22
C SER A 6 13.52 8.75 5.85
N GLY A 7 12.24 8.39 5.89
CA GLY A 7 11.49 8.15 4.66
C GLY A 7 11.29 9.45 3.89
N ALA A 8 11.19 9.31 2.57
CA ALA A 8 10.99 10.45 1.70
C ALA A 8 9.93 10.11 0.65
N TYR A 9 8.98 11.02 0.49
CA TYR A 9 7.91 10.83 -0.48
C TYR A 9 8.46 10.34 -1.81
N SER A 10 9.63 10.84 -2.15
CA SER A 10 10.28 10.46 -3.40
C SER A 10 10.22 8.95 -3.59
N GLU A 11 10.29 8.25 -2.46
CA GLU A 11 10.24 6.80 -2.48
C GLU A 11 9.02 6.31 -3.26
N LEU A 12 7.90 6.98 -3.02
CA LEU A 12 6.66 6.64 -3.70
C LEU A 12 6.89 6.63 -5.20
N GLN A 13 7.48 7.71 -5.69
CA GLN A 13 7.76 7.85 -7.11
C GLN A 13 8.50 6.60 -7.62
N MET A 14 9.39 6.09 -6.78
CA MET A 14 10.15 4.92 -7.13
C MET A 14 10.22 3.93 -5.96
N LEU A 15 9.05 3.39 -5.63
CA LEU A 15 8.95 2.44 -4.54
C LEU A 15 9.95 1.30 -4.77
N SER A 16 9.88 0.31 -3.90
CA SER A 16 10.76 -0.84 -4.01
C SER A 16 10.05 -1.99 -4.75
N PRO A 17 10.79 -3.11 -4.92
CA PRO A 17 10.24 -4.27 -5.60
C PRO A 17 9.26 -5.03 -4.69
N SER A 18 9.41 -4.80 -3.40
CA SER A 18 8.55 -5.44 -2.42
C SER A 18 7.27 -4.63 -2.23
N GLU A 19 7.45 -3.33 -2.10
CA GLU A 19 6.32 -2.43 -1.91
C GLU A 19 5.49 -2.35 -3.19
N ARG A 20 6.19 -2.32 -4.32
CA ARG A 20 5.53 -2.25 -5.61
C ARG A 20 4.63 -3.48 -5.82
N GLN A 21 5.24 -4.64 -5.69
CA GLN A 21 4.52 -5.89 -5.86
C GLN A 21 3.35 -5.96 -4.88
N CYS A 22 3.56 -5.40 -3.70
CA CYS A 22 2.53 -5.39 -2.68
C CYS A 22 1.32 -4.63 -3.22
N VAL A 23 1.57 -3.37 -3.57
CA VAL A 23 0.51 -2.53 -4.11
C VAL A 23 -0.04 -3.15 -5.39
N GLU A 24 0.84 -3.26 -6.38
CA GLU A 24 0.46 -3.84 -7.66
C GLU A 24 -0.49 -5.03 -7.44
N THR A 25 -0.10 -5.90 -6.53
CA THR A 25 -0.90 -7.07 -6.23
C THR A 25 -2.34 -6.66 -5.91
N VAL A 26 -2.48 -5.88 -4.86
CA VAL A 26 -3.79 -5.42 -4.44
C VAL A 26 -4.46 -4.66 -5.60
N VAL A 27 -3.73 -3.68 -6.12
CA VAL A 27 -4.23 -2.88 -7.22
C VAL A 27 -4.81 -3.81 -8.28
N ASN A 28 -4.23 -5.01 -8.37
CA ASN A 28 -4.69 -5.99 -9.35
C ASN A 28 -5.95 -6.68 -8.81
N MET A 29 -5.95 -6.92 -7.52
CA MET A 29 -7.09 -7.57 -6.88
C MET A 29 -8.37 -6.77 -7.11
N GLY A 30 -8.20 -5.47 -7.29
CA GLY A 30 -9.34 -4.60 -7.52
C GLY A 30 -9.37 -3.46 -6.48
N TYR A 31 -8.25 -2.74 -6.40
CA TYR A 31 -8.14 -1.64 -5.47
C TYR A 31 -7.36 -0.48 -6.08
N SER A 32 -7.50 0.68 -5.46
CA SER A 32 -6.81 1.88 -5.93
C SER A 32 -5.34 1.83 -5.53
N TYR A 33 -4.57 2.75 -6.10
CA TYR A 33 -3.16 2.82 -5.80
C TYR A 33 -2.90 3.70 -4.57
N GLU A 34 -3.41 4.92 -4.64
CA GLU A 34 -3.24 5.86 -3.55
C GLU A 34 -3.71 5.24 -2.23
N CYS A 35 -4.98 4.84 -2.23
CA CYS A 35 -5.56 4.23 -1.05
C CYS A 35 -4.59 3.17 -0.52
N VAL A 36 -4.36 2.16 -1.36
CA VAL A 36 -3.46 1.09 -0.98
C VAL A 36 -2.13 1.68 -0.49
N LEU A 37 -1.58 2.56 -1.31
CA LEU A 37 -0.32 3.21 -0.96
C LEU A 37 -0.36 3.65 0.50
N ARG A 38 -1.24 4.62 0.77
CA ARG A 38 -1.38 5.14 2.12
C ARG A 38 -1.57 3.99 3.10
N ALA A 39 -2.42 3.05 2.72
CA ALA A 39 -2.70 1.91 3.56
C ALA A 39 -1.40 1.21 3.93
N MET A 40 -0.55 1.07 2.93
CA MET A 40 0.74 0.42 3.12
C MET A 40 1.68 1.30 3.95
N LYS A 41 1.67 2.59 3.63
CA LYS A 41 2.50 3.55 4.34
C LYS A 41 1.92 3.79 5.73
N LYS A 42 0.70 3.31 5.92
CA LYS A 42 0.03 3.48 7.20
C LYS A 42 0.14 2.17 8.00
N LYS A 43 -0.42 1.11 7.43
CA LYS A 43 -0.39 -0.19 8.08
C LYS A 43 1.02 -0.77 7.98
N GLY A 44 1.69 -0.41 6.90
CA GLY A 44 3.05 -0.89 6.68
C GLY A 44 3.12 -1.79 5.44
N GLU A 45 3.97 -2.80 5.52
CA GLU A 45 4.13 -3.73 4.43
C GLU A 45 3.60 -5.11 4.82
N ASN A 46 2.36 -5.36 4.42
CA ASN A 46 1.73 -6.63 4.73
C ASN A 46 0.33 -6.66 4.10
N ILE A 47 0.18 -7.50 3.09
CA ILE A 47 -1.09 -7.63 2.39
C ILE A 47 -2.23 -7.59 3.42
N GLU A 48 -2.20 -8.56 4.31
CA GLU A 48 -3.22 -8.65 5.34
C GLU A 48 -3.43 -7.29 6.00
N GLN A 49 -2.37 -6.81 6.64
CA GLN A 49 -2.42 -5.52 7.31
C GLN A 49 -3.09 -4.48 6.42
N ILE A 50 -2.61 -4.39 5.18
CA ILE A 50 -3.16 -3.45 4.23
C ILE A 50 -4.67 -3.69 4.08
N LEU A 51 -5.00 -4.87 3.56
CA LEU A 51 -6.39 -5.23 3.36
C LEU A 51 -7.20 -4.80 4.59
N ASP A 52 -6.61 -4.98 5.75
CA ASP A 52 -7.26 -4.62 6.99
C ASP A 52 -7.70 -3.15 6.92
N TYR A 53 -6.74 -2.30 6.60
CA TYR A 53 -7.00 -0.87 6.50
C TYR A 53 -8.00 -0.58 5.39
N LEU A 54 -7.80 -1.24 4.26
CA LEU A 54 -8.67 -1.07 3.11
C LEU A 54 -10.11 -1.41 3.52
N PHE A 55 -10.29 -2.65 3.96
CA PHE A 55 -11.60 -3.12 4.37
C PHE A 55 -12.36 -2.02 5.12
N ALA A 56 -11.70 -1.48 6.14
CA ALA A 56 -12.29 -0.43 6.95
C ALA A 56 -13.04 0.55 6.03
N HIS A 57 -12.28 1.12 5.10
CA HIS A 57 -12.85 2.07 4.16
C HIS A 57 -13.78 1.35 3.20
N SER A 58 -13.24 0.31 2.56
CA SER A 58 -14.02 -0.47 1.62
C SER A 58 -15.35 -0.88 2.24
N GLY A 59 -16.43 -0.45 1.60
CA GLY A 59 -17.76 -0.76 2.08
C GLY A 59 -18.00 -2.28 2.09
N PRO A 60 -19.14 -2.67 2.73
CA PRO A 60 -19.49 -4.08 2.82
C PRO A 60 -20.01 -4.61 1.48
N SER A 61 -19.08 -4.82 0.57
CA SER A 61 -19.44 -5.31 -0.76
C SER A 61 -20.35 -4.32 -1.47
N SER A 62 -20.19 -4.25 -2.77
CA SER A 62 -20.98 -3.34 -3.58
C SER A 62 -22.10 -4.11 -4.29
N GLY A 63 -21.69 -5.09 -5.08
CA GLY A 63 -22.64 -5.90 -5.82
C GLY A 63 -22.01 -6.44 -7.11
N GLY A 1 17.65 -7.86 1.64
CA GLY A 1 18.15 -6.55 1.99
C GLY A 1 17.41 -5.97 3.19
N SER A 2 17.96 -4.88 3.72
CA SER A 2 17.35 -4.23 4.87
C SER A 2 15.87 -3.96 4.59
N SER A 3 15.63 -3.27 3.49
CA SER A 3 14.27 -2.94 3.10
C SER A 3 13.61 -2.08 4.18
N GLY A 4 13.71 -0.77 4.01
CA GLY A 4 13.14 0.16 4.97
C GLY A 4 14.09 1.33 5.22
N SER A 5 14.59 1.38 6.45
CA SER A 5 15.50 2.44 6.84
C SER A 5 14.82 3.80 6.71
N SER A 6 13.92 4.07 7.64
CA SER A 6 13.20 5.33 7.64
C SER A 6 12.33 5.43 6.39
N GLY A 7 11.18 6.07 6.55
CA GLY A 7 10.26 6.23 5.44
C GLY A 7 10.32 7.66 4.89
N ALA A 8 10.75 7.75 3.64
CA ALA A 8 10.86 9.05 2.98
C ALA A 8 9.86 9.11 1.83
N TYR A 9 9.76 10.29 1.23
CA TYR A 9 8.86 10.50 0.12
C TYR A 9 9.56 10.21 -1.22
N SER A 10 10.86 10.43 -1.22
CA SER A 10 11.66 10.21 -2.42
C SER A 10 11.61 8.73 -2.81
N GLU A 11 11.24 7.91 -1.83
CA GLU A 11 11.15 6.48 -2.06
C GLU A 11 9.97 6.16 -2.97
N LEU A 12 8.86 6.86 -2.73
CA LEU A 12 7.66 6.66 -3.52
C LEU A 12 8.02 6.68 -5.01
N GLN A 13 8.64 7.79 -5.42
CA GLN A 13 9.05 7.94 -6.80
C GLN A 13 9.63 6.63 -7.34
N MET A 14 10.47 6.01 -6.51
CA MET A 14 11.09 4.76 -6.89
C MET A 14 10.94 3.71 -5.78
N LEU A 15 9.70 3.32 -5.54
CA LEU A 15 9.41 2.34 -4.52
C LEU A 15 10.31 1.12 -4.71
N SER A 16 10.13 0.14 -3.83
CA SER A 16 10.93 -1.08 -3.89
C SER A 16 10.13 -2.16 -4.62
N PRO A 17 10.79 -3.35 -4.77
CA PRO A 17 10.16 -4.48 -5.44
C PRO A 17 9.11 -5.13 -4.53
N SER A 18 9.36 -5.04 -3.23
CA SER A 18 8.44 -5.62 -2.26
C SER A 18 7.20 -4.73 -2.11
N GLU A 19 7.44 -3.42 -2.10
CA GLU A 19 6.35 -2.47 -1.97
C GLU A 19 5.55 -2.39 -3.26
N ARG A 20 6.27 -2.31 -4.37
CA ARG A 20 5.64 -2.24 -5.68
C ARG A 20 4.75 -3.47 -5.91
N GLN A 21 5.31 -4.63 -5.59
CA GLN A 21 4.58 -5.88 -5.76
C GLN A 21 3.45 -5.96 -4.75
N CYS A 22 3.55 -5.15 -3.71
CA CYS A 22 2.53 -5.13 -2.66
C CYS A 22 1.30 -4.39 -3.21
N VAL A 23 1.54 -3.16 -3.64
CA VAL A 23 0.47 -2.35 -4.18
C VAL A 23 -0.11 -3.03 -5.44
N GLU A 24 0.78 -3.27 -6.40
CA GLU A 24 0.38 -3.91 -7.63
C GLU A 24 -0.61 -5.03 -7.35
N THR A 25 -0.19 -5.94 -6.48
CA THR A 25 -1.03 -7.07 -6.10
C THR A 25 -2.46 -6.61 -5.81
N VAL A 26 -2.58 -5.90 -4.69
CA VAL A 26 -3.89 -5.39 -4.28
C VAL A 26 -4.51 -4.60 -5.44
N VAL A 27 -3.69 -3.79 -6.08
CA VAL A 27 -4.15 -2.99 -7.20
C VAL A 27 -4.85 -3.89 -8.22
N ASN A 28 -4.35 -5.12 -8.30
CA ASN A 28 -4.91 -6.09 -9.23
C ASN A 28 -6.17 -6.70 -8.63
N MET A 29 -6.12 -6.92 -7.32
CA MET A 29 -7.25 -7.49 -6.61
C MET A 29 -8.51 -6.64 -6.80
N GLY A 30 -8.29 -5.41 -7.23
CA GLY A 30 -9.39 -4.48 -7.46
C GLY A 30 -9.36 -3.33 -6.45
N TYR A 31 -8.19 -2.70 -6.36
CA TYR A 31 -8.02 -1.59 -5.45
C TYR A 31 -7.21 -0.47 -6.11
N SER A 32 -7.33 0.72 -5.53
CA SER A 32 -6.62 1.88 -6.04
C SER A 32 -5.16 1.85 -5.59
N TYR A 33 -4.37 2.70 -6.21
CA TYR A 33 -2.95 2.79 -5.89
C TYR A 33 -2.71 3.73 -4.71
N GLU A 34 -3.28 4.93 -4.83
CA GLU A 34 -3.14 5.92 -3.78
C GLU A 34 -3.54 5.34 -2.43
N CYS A 35 -4.80 4.93 -2.35
CA CYS A 35 -5.33 4.36 -1.13
C CYS A 35 -4.35 3.31 -0.62
N VAL A 36 -4.15 2.28 -1.43
CA VAL A 36 -3.23 1.21 -1.08
C VAL A 36 -1.91 1.81 -0.60
N LEU A 37 -1.36 2.69 -1.44
CA LEU A 37 -0.10 3.34 -1.12
C LEU A 37 -0.14 3.84 0.33
N ARG A 38 -0.89 4.91 0.53
CA ARG A 38 -1.03 5.50 1.85
C ARG A 38 -1.25 4.40 2.90
N ALA A 39 -2.16 3.50 2.56
CA ALA A 39 -2.47 2.39 3.47
C ALA A 39 -1.20 1.63 3.81
N MET A 40 -0.42 1.34 2.76
CA MET A 40 0.83 0.62 2.94
C MET A 40 1.76 1.37 3.89
N LYS A 41 1.82 2.68 3.69
CA LYS A 41 2.67 3.52 4.52
C LYS A 41 2.03 3.69 5.90
N LYS A 42 0.76 3.30 5.98
CA LYS A 42 0.03 3.41 7.23
C LYS A 42 0.18 2.09 8.00
N LYS A 43 -0.34 1.03 7.40
CA LYS A 43 -0.27 -0.28 8.02
C LYS A 43 1.15 -0.82 7.93
N GLY A 44 1.83 -0.42 6.86
CA GLY A 44 3.20 -0.85 6.64
C GLY A 44 3.29 -1.81 5.46
N GLU A 45 4.08 -2.87 5.64
CA GLU A 45 4.26 -3.86 4.60
C GLU A 45 3.61 -5.18 5.02
N ASN A 46 2.38 -5.38 4.56
CA ASN A 46 1.65 -6.59 4.87
C ASN A 46 0.27 -6.54 4.21
N ILE A 47 0.14 -7.26 3.11
CA ILE A 47 -1.11 -7.30 2.37
C ILE A 47 -2.26 -7.43 3.36
N GLU A 48 -2.16 -8.44 4.21
CA GLU A 48 -3.19 -8.69 5.21
C GLU A 48 -3.54 -7.39 5.95
N GLN A 49 -2.51 -6.76 6.46
CA GLN A 49 -2.70 -5.51 7.19
C GLN A 49 -3.30 -4.44 6.27
N ILE A 50 -2.68 -4.29 5.12
CA ILE A 50 -3.15 -3.31 4.14
C ILE A 50 -4.63 -3.55 3.86
N LEU A 51 -4.96 -4.80 3.59
CA LEU A 51 -6.34 -5.18 3.30
C LEU A 51 -7.21 -4.84 4.51
N ASP A 52 -6.71 -5.19 5.68
CA ASP A 52 -7.44 -4.93 6.92
C ASP A 52 -7.87 -3.46 6.94
N TYR A 53 -6.91 -2.58 6.66
CA TYR A 53 -7.18 -1.16 6.65
C TYR A 53 -8.16 -0.79 5.55
N LEU A 54 -7.91 -1.35 4.37
CA LEU A 54 -8.76 -1.08 3.22
C LEU A 54 -10.20 -1.48 3.55
N PHE A 55 -10.38 -2.77 3.80
CA PHE A 55 -11.70 -3.30 4.13
C PHE A 55 -12.44 -2.36 5.08
N ALA A 56 -11.72 -1.90 6.09
CA ALA A 56 -12.30 -1.00 7.08
C ALA A 56 -13.18 0.02 6.36
N HIS A 57 -12.62 0.61 5.31
CA HIS A 57 -13.34 1.60 4.53
C HIS A 57 -14.14 0.91 3.42
N SER A 58 -13.43 0.09 2.66
CA SER A 58 -14.06 -0.64 1.56
C SER A 58 -14.48 0.34 0.45
N GLY A 59 -14.12 -0.02 -0.77
CA GLY A 59 -14.45 0.81 -1.91
C GLY A 59 -13.46 0.60 -3.06
N PRO A 60 -13.72 -0.46 -3.86
CA PRO A 60 -12.85 -0.79 -4.98
C PRO A 60 -13.08 0.18 -6.14
N SER A 61 -14.31 0.24 -6.60
CA SER A 61 -14.67 1.12 -7.69
C SER A 61 -15.93 1.91 -7.35
N SER A 62 -15.72 3.17 -6.97
CA SER A 62 -16.83 4.03 -6.61
C SER A 62 -16.33 5.46 -6.41
N GLY A 63 -15.40 5.61 -5.48
CA GLY A 63 -14.83 6.91 -5.19
C GLY A 63 -13.97 7.41 -6.35
N GLY A 1 15.31 -1.15 0.30
CA GLY A 1 14.85 -2.31 1.03
C GLY A 1 14.55 -1.95 2.49
N SER A 2 13.63 -2.70 3.07
CA SER A 2 13.24 -2.47 4.46
C SER A 2 12.73 -1.04 4.62
N SER A 3 11.98 -0.83 5.70
CA SER A 3 11.42 0.47 5.98
C SER A 3 12.15 1.11 7.17
N GLY A 4 12.17 2.43 7.18
CA GLY A 4 12.83 3.17 8.25
C GLY A 4 13.84 4.17 7.68
N SER A 5 14.73 4.62 8.55
CA SER A 5 15.75 5.57 8.16
C SER A 5 15.10 6.91 7.80
N SER A 6 14.42 6.93 6.66
CA SER A 6 13.75 8.13 6.20
C SER A 6 12.86 7.81 5.00
N GLY A 7 11.58 7.60 5.30
CA GLY A 7 10.61 7.29 4.26
C GLY A 7 10.89 8.11 3.00
N ALA A 8 10.89 9.42 3.17
CA ALA A 8 11.14 10.32 2.06
C ALA A 8 10.02 10.15 1.02
N TYR A 9 9.80 11.22 0.26
CA TYR A 9 8.77 11.20 -0.77
C TYR A 9 9.34 10.75 -2.10
N SER A 10 10.61 11.12 -2.33
CA SER A 10 11.28 10.77 -3.57
C SER A 10 11.20 9.25 -3.79
N GLU A 11 11.21 8.52 -2.69
CA GLU A 11 11.14 7.07 -2.75
C GLU A 11 9.90 6.63 -3.53
N LEU A 12 8.78 7.27 -3.20
CA LEU A 12 7.52 6.95 -3.86
C LEU A 12 7.73 6.92 -5.36
N GLN A 13 8.29 8.01 -5.88
CA GLN A 13 8.55 8.12 -7.30
C GLN A 13 9.10 6.80 -7.85
N MET A 14 9.88 6.13 -7.01
CA MET A 14 10.48 4.87 -7.38
C MET A 14 10.48 3.89 -6.21
N LEU A 15 9.29 3.49 -5.81
CA LEU A 15 9.15 2.56 -4.71
C LEU A 15 10.05 1.35 -4.93
N SER A 16 10.02 0.43 -3.97
CA SER A 16 10.83 -0.77 -4.06
C SER A 16 10.05 -1.87 -4.77
N PRO A 17 10.73 -3.05 -4.94
CA PRO A 17 10.11 -4.18 -5.59
C PRO A 17 9.11 -4.87 -4.67
N SER A 18 9.37 -4.76 -3.37
CA SER A 18 8.50 -5.36 -2.38
C SER A 18 7.25 -4.50 -2.20
N GLU A 19 7.47 -3.20 -2.13
CA GLU A 19 6.38 -2.25 -1.96
C GLU A 19 5.51 -2.21 -3.21
N ARG A 20 6.18 -2.12 -4.36
CA ARG A 20 5.49 -2.07 -5.64
C ARG A 20 4.54 -3.26 -5.78
N GLN A 21 5.11 -4.45 -5.60
CA GLN A 21 4.34 -5.68 -5.71
C GLN A 21 3.22 -5.69 -4.67
N CYS A 22 3.51 -5.08 -3.52
CA CYS A 22 2.54 -5.00 -2.44
C CYS A 22 1.28 -4.29 -2.97
N VAL A 23 1.50 -3.10 -3.48
CA VAL A 23 0.41 -2.30 -4.01
C VAL A 23 -0.18 -3.00 -5.24
N GLU A 24 0.67 -3.16 -6.25
CA GLU A 24 0.24 -3.82 -7.47
C GLU A 24 -0.69 -5.00 -7.16
N THR A 25 -0.24 -5.82 -6.23
CA THR A 25 -1.01 -6.99 -5.82
C THR A 25 -2.45 -6.59 -5.53
N VAL A 26 -2.60 -5.65 -4.61
CA VAL A 26 -3.92 -5.17 -4.23
C VAL A 26 -4.55 -4.43 -5.41
N VAL A 27 -3.76 -3.56 -6.01
CA VAL A 27 -4.23 -2.79 -7.15
C VAL A 27 -4.89 -3.74 -8.16
N ASN A 28 -4.40 -4.97 -8.17
CA ASN A 28 -4.94 -5.97 -9.09
C ASN A 28 -6.18 -6.61 -8.47
N MET A 29 -6.17 -6.69 -7.14
CA MET A 29 -7.28 -7.28 -6.41
C MET A 29 -8.56 -6.47 -6.64
N GLY A 30 -8.37 -5.18 -6.87
CA GLY A 30 -9.51 -4.29 -7.09
C GLY A 30 -9.51 -3.15 -6.09
N TYR A 31 -8.41 -2.41 -6.08
CA TYR A 31 -8.27 -1.27 -5.18
C TYR A 31 -7.60 -0.08 -5.89
N SER A 32 -7.54 1.03 -5.17
CA SER A 32 -6.94 2.23 -5.71
C SER A 32 -5.49 2.35 -5.22
N TYR A 33 -4.57 2.41 -6.19
CA TYR A 33 -3.16 2.53 -5.87
C TYR A 33 -2.95 3.43 -4.66
N GLU A 34 -3.32 4.69 -4.83
CA GLU A 34 -3.17 5.67 -3.76
C GLU A 34 -3.61 5.07 -2.43
N CYS A 35 -4.88 4.69 -2.37
CA CYS A 35 -5.44 4.10 -1.17
C CYS A 35 -4.44 3.08 -0.62
N VAL A 36 -4.18 2.06 -1.44
CA VAL A 36 -3.25 1.01 -1.06
C VAL A 36 -1.94 1.65 -0.57
N LEU A 37 -1.40 2.52 -1.41
CA LEU A 37 -0.16 3.20 -1.08
C LEU A 37 -0.21 3.68 0.37
N ARG A 38 -1.02 4.71 0.59
CA ARG A 38 -1.17 5.27 1.92
C ARG A 38 -1.19 4.15 2.97
N ALA A 39 -2.10 3.21 2.78
CA ALA A 39 -2.23 2.09 3.69
C ALA A 39 -0.87 1.41 3.85
N MET A 40 -0.32 0.99 2.71
CA MET A 40 0.97 0.32 2.70
C MET A 40 2.00 1.12 3.51
N LYS A 41 1.86 2.43 3.44
CA LYS A 41 2.77 3.31 4.16
C LYS A 41 2.32 3.43 5.62
N LYS A 42 1.04 3.18 5.83
CA LYS A 42 0.47 3.26 7.17
C LYS A 42 0.73 1.95 7.91
N LYS A 43 0.18 0.87 7.36
CA LYS A 43 0.35 -0.44 7.96
C LYS A 43 1.77 -0.94 7.69
N GLY A 44 2.38 -0.37 6.65
CA GLY A 44 3.73 -0.75 6.27
C GLY A 44 3.71 -1.93 5.29
N GLU A 45 4.42 -2.98 5.68
CA GLU A 45 4.50 -4.17 4.84
C GLU A 45 3.75 -5.33 5.50
N ASN A 46 2.50 -5.49 5.08
CA ASN A 46 1.67 -6.55 5.61
C ASN A 46 0.35 -6.61 4.83
N ILE A 47 0.36 -7.41 3.78
CA ILE A 47 -0.82 -7.56 2.94
C ILE A 47 -2.07 -7.61 3.83
N GLU A 48 -2.06 -8.54 4.76
CA GLU A 48 -3.17 -8.70 5.68
C GLU A 48 -3.67 -7.33 6.15
N GLN A 49 -2.75 -6.57 6.73
CA GLN A 49 -3.06 -5.26 7.23
C GLN A 49 -3.63 -4.38 6.10
N ILE A 50 -2.80 -4.13 5.12
CA ILE A 50 -3.19 -3.31 3.98
C ILE A 50 -4.63 -3.67 3.58
N LEU A 51 -4.88 -4.98 3.52
CA LEU A 51 -6.20 -5.46 3.16
C LEU A 51 -7.19 -5.12 4.27
N ASP A 52 -6.76 -5.36 5.49
CA ASP A 52 -7.60 -5.08 6.65
C ASP A 52 -7.96 -3.60 6.66
N TYR A 53 -6.94 -2.76 6.57
CA TYR A 53 -7.15 -1.32 6.56
C TYR A 53 -8.05 -0.90 5.41
N LEU A 54 -7.77 -1.46 4.24
CA LEU A 54 -8.54 -1.16 3.05
C LEU A 54 -10.02 -1.49 3.30
N PHE A 55 -10.26 -2.78 3.56
CA PHE A 55 -11.61 -3.24 3.82
C PHE A 55 -12.39 -2.22 4.65
N ALA A 56 -11.75 -1.74 5.70
CA ALA A 56 -12.38 -0.77 6.58
C ALA A 56 -13.15 0.25 5.74
N HIS A 57 -12.42 0.91 4.86
CA HIS A 57 -13.01 1.91 3.98
C HIS A 57 -13.77 1.22 2.86
N SER A 58 -13.09 0.30 2.20
CA SER A 58 -13.69 -0.44 1.10
C SER A 58 -14.39 0.52 0.14
N GLY A 59 -13.61 1.08 -0.76
CA GLY A 59 -14.14 2.01 -1.74
C GLY A 59 -14.71 1.28 -2.96
N PRO A 60 -13.80 0.97 -3.91
CA PRO A 60 -14.19 0.26 -5.13
C PRO A 60 -14.46 -1.22 -4.84
N SER A 61 -15.35 -1.45 -3.89
CA SER A 61 -15.69 -2.82 -3.51
C SER A 61 -17.07 -3.18 -4.07
N SER A 62 -17.07 -4.13 -5.00
CA SER A 62 -18.31 -4.57 -5.62
C SER A 62 -18.57 -6.03 -5.25
N GLY A 63 -19.62 -6.24 -4.46
CA GLY A 63 -19.98 -7.58 -4.04
C GLY A 63 -19.37 -7.91 -2.68
N GLY A 1 21.18 11.71 19.97
CA GLY A 1 20.22 12.80 19.88
C GLY A 1 18.81 12.26 19.66
N SER A 2 18.04 12.98 18.86
CA SER A 2 16.68 12.59 18.57
C SER A 2 16.56 12.16 17.11
N SER A 3 16.51 10.85 16.90
CA SER A 3 16.40 10.31 15.57
C SER A 3 15.44 9.12 15.56
N GLY A 4 14.33 9.30 14.86
CA GLY A 4 13.32 8.26 14.77
C GLY A 4 13.17 7.76 13.33
N SER A 5 11.92 7.64 12.91
CA SER A 5 11.62 7.19 11.56
C SER A 5 10.28 7.78 11.10
N SER A 6 10.09 7.75 9.79
CA SER A 6 8.87 8.28 9.21
C SER A 6 8.74 7.81 7.75
N GLY A 7 9.76 8.14 6.97
CA GLY A 7 9.78 7.76 5.56
C GLY A 7 9.89 8.99 4.67
N ALA A 8 10.21 8.74 3.40
CA ALA A 8 10.37 9.82 2.44
C ALA A 8 9.28 9.68 1.37
N TYR A 9 8.96 10.81 0.75
CA TYR A 9 7.96 10.84 -0.29
C TYR A 9 8.56 10.49 -1.65
N SER A 10 9.86 10.69 -1.74
CA SER A 10 10.58 10.41 -2.99
C SER A 10 10.52 8.90 -3.29
N GLU A 11 10.37 8.13 -2.22
CA GLU A 11 10.32 6.68 -2.35
C GLU A 11 9.10 6.28 -3.20
N LEU A 12 7.97 6.89 -2.87
CA LEU A 12 6.74 6.61 -3.59
C LEU A 12 7.02 6.57 -5.09
N GLN A 13 7.74 7.59 -5.55
CA GLN A 13 8.09 7.70 -6.96
C GLN A 13 8.85 6.44 -7.41
N MET A 14 9.80 6.04 -6.58
CA MET A 14 10.61 4.87 -6.88
C MET A 14 10.59 3.88 -5.71
N LEU A 15 9.41 3.35 -5.45
CA LEU A 15 9.23 2.39 -4.37
C LEU A 15 10.16 1.21 -4.60
N SER A 16 10.03 0.22 -3.73
CA SER A 16 10.85 -0.98 -3.82
C SER A 16 10.11 -2.05 -4.61
N PRO A 17 10.82 -3.20 -4.82
CA PRO A 17 10.24 -4.31 -5.56
C PRO A 17 9.20 -5.05 -4.72
N SER A 18 9.29 -4.85 -3.41
CA SER A 18 8.36 -5.49 -2.49
C SER A 18 7.12 -4.63 -2.31
N GLU A 19 7.35 -3.31 -2.24
CA GLU A 19 6.26 -2.38 -2.07
C GLU A 19 5.46 -2.25 -3.38
N ARG A 20 6.19 -2.26 -4.48
CA ARG A 20 5.57 -2.16 -5.78
C ARG A 20 4.61 -3.32 -6.03
N GLN A 21 5.13 -4.52 -5.80
CA GLN A 21 4.34 -5.72 -5.98
C GLN A 21 3.16 -5.74 -5.00
N CYS A 22 3.42 -5.24 -3.80
CA CYS A 22 2.40 -5.19 -2.77
C CYS A 22 1.19 -4.43 -3.33
N VAL A 23 1.45 -3.20 -3.74
CA VAL A 23 0.42 -2.35 -4.29
C VAL A 23 -0.21 -3.05 -5.50
N GLU A 24 0.57 -3.12 -6.56
CA GLU A 24 0.11 -3.75 -7.79
C GLU A 24 -0.73 -4.99 -7.47
N THR A 25 -0.20 -5.81 -6.56
CA THR A 25 -0.89 -7.02 -6.16
C THR A 25 -2.32 -6.70 -5.74
N VAL A 26 -2.43 -5.80 -4.76
CA VAL A 26 -3.73 -5.41 -4.26
C VAL A 26 -4.49 -4.65 -5.35
N VAL A 27 -3.80 -3.68 -5.94
CA VAL A 27 -4.39 -2.87 -6.99
C VAL A 27 -4.97 -3.79 -8.07
N ASN A 28 -4.40 -4.98 -8.16
CA ASN A 28 -4.86 -5.96 -9.13
C ASN A 28 -6.03 -6.75 -8.55
N MET A 29 -6.06 -6.83 -7.23
CA MET A 29 -7.12 -7.54 -6.55
C MET A 29 -8.45 -6.77 -6.64
N GLY A 30 -8.32 -5.49 -6.91
CA GLY A 30 -9.50 -4.63 -7.02
C GLY A 30 -9.47 -3.52 -5.96
N TYR A 31 -8.47 -2.67 -6.06
CA TYR A 31 -8.32 -1.58 -5.12
C TYR A 31 -7.57 -0.40 -5.77
N SER A 32 -7.69 0.75 -5.12
CA SER A 32 -7.03 1.95 -5.61
C SER A 32 -5.53 1.88 -5.32
N TYR A 33 -4.80 2.82 -5.91
CA TYR A 33 -3.36 2.87 -5.73
C TYR A 33 -3.01 3.71 -4.49
N GLU A 34 -3.49 4.94 -4.48
CA GLU A 34 -3.23 5.84 -3.37
C GLU A 34 -3.60 5.18 -2.05
N CYS A 35 -4.87 4.80 -1.95
CA CYS A 35 -5.37 4.16 -0.75
C CYS A 35 -4.34 3.12 -0.30
N VAL A 36 -4.15 2.12 -1.15
CA VAL A 36 -3.20 1.06 -0.85
C VAL A 36 -1.87 1.68 -0.43
N LEU A 37 -1.37 2.57 -1.27
CA LEU A 37 -0.11 3.24 -0.99
C LEU A 37 -0.12 3.77 0.44
N ARG A 38 -1.03 4.68 0.70
CA ARG A 38 -1.16 5.27 2.02
C ARG A 38 -1.30 4.16 3.08
N ALA A 39 -2.16 3.21 2.78
CA ALA A 39 -2.41 2.11 3.69
C ALA A 39 -1.09 1.38 3.95
N MET A 40 -0.29 1.24 2.89
CA MET A 40 0.99 0.57 3.00
C MET A 40 1.94 1.36 3.89
N LYS A 41 1.96 2.67 3.69
CA LYS A 41 2.82 3.54 4.46
C LYS A 41 2.18 3.83 5.82
N LYS A 42 0.91 3.44 5.92
CA LYS A 42 0.16 3.64 7.15
C LYS A 42 0.33 2.41 8.05
N LYS A 43 -0.16 1.29 7.55
CA LYS A 43 -0.07 0.05 8.30
C LYS A 43 1.33 -0.53 8.16
N GLY A 44 1.97 -0.20 7.05
CA GLY A 44 3.31 -0.68 6.78
C GLY A 44 3.31 -1.73 5.66
N GLU A 45 4.17 -2.73 5.84
CA GLU A 45 4.27 -3.81 4.86
C GLU A 45 3.66 -5.09 5.42
N ASN A 46 2.41 -5.31 5.08
CA ASN A 46 1.70 -6.51 5.53
C ASN A 46 0.33 -6.58 4.85
N ILE A 47 0.28 -7.38 3.79
CA ILE A 47 -0.96 -7.54 3.04
C ILE A 47 -2.12 -7.62 4.02
N GLU A 48 -2.07 -8.61 4.89
CA GLU A 48 -3.11 -8.81 5.88
C GLU A 48 -3.60 -7.46 6.41
N GLN A 49 -2.65 -6.60 6.75
CA GLN A 49 -2.98 -5.29 7.27
C GLN A 49 -3.56 -4.42 6.16
N ILE A 50 -2.73 -4.14 5.16
CA ILE A 50 -3.15 -3.31 4.04
C ILE A 50 -4.59 -3.70 3.65
N LEU A 51 -4.84 -5.00 3.65
CA LEU A 51 -6.15 -5.50 3.30
C LEU A 51 -7.15 -5.14 4.41
N ASP A 52 -6.72 -5.42 5.64
CA ASP A 52 -7.57 -5.14 6.79
C ASP A 52 -7.99 -3.67 6.76
N TYR A 53 -7.00 -2.81 6.54
CA TYR A 53 -7.26 -1.39 6.49
C TYR A 53 -8.14 -1.02 5.29
N LEU A 54 -7.75 -1.54 4.13
CA LEU A 54 -8.49 -1.28 2.91
C LEU A 54 -9.98 -1.55 3.16
N PHE A 55 -10.27 -2.80 3.49
CA PHE A 55 -11.64 -3.19 3.75
C PHE A 55 -12.40 -2.09 4.49
N ALA A 56 -11.78 -1.60 5.55
CA ALA A 56 -12.39 -0.55 6.34
C ALA A 56 -13.00 0.51 5.41
N HIS A 57 -12.14 1.08 4.58
CA HIS A 57 -12.58 2.09 3.64
C HIS A 57 -13.39 1.44 2.52
N SER A 58 -12.79 0.44 1.90
CA SER A 58 -13.45 -0.28 0.82
C SER A 58 -14.84 -0.73 1.26
N GLY A 59 -15.72 -0.87 0.29
CA GLY A 59 -17.09 -1.29 0.55
C GLY A 59 -18.07 -0.67 -0.44
N PRO A 60 -18.51 0.57 -0.12
CA PRO A 60 -19.44 1.28 -0.99
C PRO A 60 -18.74 1.81 -2.24
N SER A 61 -19.23 1.38 -3.38
CA SER A 61 -18.67 1.80 -4.66
C SER A 61 -18.76 3.31 -4.79
N SER A 62 -19.98 3.82 -4.73
CA SER A 62 -20.21 5.25 -4.84
C SER A 62 -20.92 5.76 -3.59
N GLY A 63 -20.14 5.93 -2.53
CA GLY A 63 -20.69 6.42 -1.27
C GLY A 63 -19.76 6.07 -0.10
N GLY A 1 10.98 -5.95 12.87
CA GLY A 1 12.23 -5.22 13.01
C GLY A 1 12.23 -3.95 12.17
N SER A 2 12.70 -4.09 10.94
CA SER A 2 12.75 -2.96 10.02
C SER A 2 13.64 -1.85 10.60
N SER A 3 14.12 -1.00 9.72
CA SER A 3 14.98 0.11 10.12
C SER A 3 14.36 1.43 9.67
N GLY A 4 14.28 2.36 10.61
CA GLY A 4 13.73 3.68 10.31
C GLY A 4 14.16 4.15 8.92
N SER A 5 13.17 4.26 8.05
CA SER A 5 13.42 4.70 6.68
C SER A 5 12.66 6.00 6.40
N SER A 6 13.31 6.88 5.65
CA SER A 6 12.70 8.16 5.30
C SER A 6 13.11 8.55 3.88
N GLY A 7 12.16 8.38 2.97
CA GLY A 7 12.41 8.71 1.58
C GLY A 7 11.68 9.99 1.18
N ALA A 8 10.94 9.91 0.07
CA ALA A 8 10.19 11.05 -0.41
C ALA A 8 9.29 10.61 -1.57
N TYR A 9 8.42 11.52 -1.98
CA TYR A 9 7.50 11.23 -3.07
C TYR A 9 8.24 10.60 -4.26
N SER A 10 9.50 10.98 -4.40
CA SER A 10 10.31 10.46 -5.48
C SER A 10 10.22 8.93 -5.52
N GLU A 11 9.92 8.36 -4.37
CA GLU A 11 9.80 6.92 -4.26
C GLU A 11 8.69 6.40 -5.18
N LEU A 12 7.53 7.03 -5.07
CA LEU A 12 6.39 6.66 -5.88
C LEU A 12 6.86 6.40 -7.32
N GLN A 13 7.62 7.35 -7.84
CA GLN A 13 8.13 7.23 -9.20
C GLN A 13 8.85 5.89 -9.38
N MET A 14 9.88 5.70 -8.56
CA MET A 14 10.65 4.47 -8.64
C MET A 14 10.57 3.70 -7.32
N LEU A 15 9.36 3.23 -7.01
CA LEU A 15 9.13 2.48 -5.80
C LEU A 15 10.09 1.28 -5.75
N SER A 16 9.97 0.51 -4.68
CA SER A 16 10.80 -0.66 -4.50
C SER A 16 10.11 -1.90 -5.07
N PRO A 17 10.82 -3.05 -5.02
CA PRO A 17 10.28 -4.30 -5.52
C PRO A 17 9.22 -4.86 -4.57
N SER A 18 9.39 -4.53 -3.30
CA SER A 18 8.45 -5.00 -2.28
C SER A 18 7.18 -4.17 -2.32
N GLU A 19 7.36 -2.86 -2.39
CA GLU A 19 6.23 -1.94 -2.43
C GLU A 19 5.45 -2.12 -3.73
N ARG A 20 6.18 -2.17 -4.83
CA ARG A 20 5.58 -2.34 -6.14
C ARG A 20 4.66 -3.57 -6.14
N GLN A 21 5.22 -4.69 -5.67
CA GLN A 21 4.46 -5.93 -5.61
C GLN A 21 3.27 -5.77 -4.68
N CYS A 22 3.53 -5.20 -3.52
CA CYS A 22 2.48 -4.99 -2.53
C CYS A 22 1.38 -4.15 -3.17
N VAL A 23 1.78 -2.99 -3.66
CA VAL A 23 0.83 -2.08 -4.30
C VAL A 23 0.14 -2.81 -5.45
N GLU A 24 0.92 -3.10 -6.48
CA GLU A 24 0.39 -3.79 -7.65
C GLU A 24 -0.55 -4.92 -7.22
N THR A 25 -0.02 -5.80 -6.38
CA THR A 25 -0.80 -6.92 -5.89
C THR A 25 -2.22 -6.48 -5.55
N VAL A 26 -2.32 -5.66 -4.51
CA VAL A 26 -3.60 -5.15 -4.06
C VAL A 26 -4.33 -4.52 -5.25
N VAL A 27 -3.66 -3.58 -5.89
CA VAL A 27 -4.24 -2.89 -7.04
C VAL A 27 -4.80 -3.93 -8.01
N ASN A 28 -4.20 -5.12 -7.98
CA ASN A 28 -4.63 -6.19 -8.84
C ASN A 28 -5.95 -6.76 -8.33
N MET A 29 -6.07 -6.84 -7.02
CA MET A 29 -7.27 -7.34 -6.39
C MET A 29 -8.49 -6.49 -6.75
N GLY A 30 -8.24 -5.19 -6.86
CA GLY A 30 -9.31 -4.26 -7.20
C GLY A 30 -9.29 -3.05 -6.27
N TYR A 31 -8.13 -2.39 -6.23
CA TYR A 31 -7.97 -1.22 -5.39
C TYR A 31 -7.27 -0.09 -6.15
N SER A 32 -7.24 1.07 -5.52
CA SER A 32 -6.61 2.24 -6.12
C SER A 32 -5.20 2.43 -5.55
N TYR A 33 -4.25 2.63 -6.45
CA TYR A 33 -2.86 2.82 -6.05
C TYR A 33 -2.78 3.64 -4.76
N GLU A 34 -3.08 4.93 -4.89
CA GLU A 34 -3.05 5.82 -3.76
C GLU A 34 -3.58 5.12 -2.50
N CYS A 35 -4.86 4.77 -2.55
CA CYS A 35 -5.50 4.10 -1.44
C CYS A 35 -4.55 3.01 -0.93
N VAL A 36 -4.26 2.07 -1.82
CA VAL A 36 -3.38 0.96 -1.47
C VAL A 36 -2.12 1.52 -0.80
N LEU A 37 -1.50 2.48 -1.48
CA LEU A 37 -0.29 3.09 -0.96
C LEU A 37 -0.51 3.48 0.50
N ARG A 38 -1.44 4.41 0.70
CA ARG A 38 -1.75 4.89 2.03
C ARG A 38 -1.81 3.71 3.02
N ALA A 39 -2.60 2.71 2.64
CA ALA A 39 -2.74 1.54 3.48
C ALA A 39 -1.37 0.92 3.73
N MET A 40 -0.58 0.86 2.67
CA MET A 40 0.75 0.29 2.77
C MET A 40 1.63 1.11 3.73
N LYS A 41 1.59 2.42 3.53
CA LYS A 41 2.38 3.32 4.36
C LYS A 41 1.70 3.47 5.73
N LYS A 42 0.48 2.95 5.80
CA LYS A 42 -0.28 3.01 7.03
C LYS A 42 -0.03 1.75 7.85
N LYS A 43 -0.42 0.62 7.27
CA LYS A 43 -0.25 -0.66 7.93
C LYS A 43 1.22 -1.09 7.83
N GLY A 44 1.86 -0.64 6.76
CA GLY A 44 3.25 -0.96 6.52
C GLY A 44 3.40 -2.07 5.47
N GLU A 45 4.12 -3.11 5.85
CA GLU A 45 4.33 -4.24 4.96
C GLU A 45 3.61 -5.48 5.48
N ASN A 46 2.41 -5.69 4.94
CA ASN A 46 1.61 -6.83 5.34
C ASN A 46 0.25 -6.76 4.63
N ILE A 47 0.18 -7.43 3.50
CA ILE A 47 -1.04 -7.46 2.72
C ILE A 47 -2.24 -7.59 3.66
N GLU A 48 -2.22 -8.67 4.43
CA GLU A 48 -3.30 -8.93 5.37
C GLU A 48 -3.70 -7.64 6.09
N GLN A 49 -2.71 -6.97 6.66
CA GLN A 49 -2.94 -5.73 7.37
C GLN A 49 -3.48 -4.66 6.41
N ILE A 50 -2.77 -4.51 5.30
CA ILE A 50 -3.17 -3.53 4.29
C ILE A 50 -4.63 -3.77 3.90
N LEU A 51 -4.97 -5.04 3.78
CA LEU A 51 -6.33 -5.42 3.42
C LEU A 51 -7.28 -5.06 4.56
N ASP A 52 -6.77 -5.20 5.77
CA ASP A 52 -7.57 -4.91 6.95
C ASP A 52 -7.90 -3.41 6.97
N TYR A 53 -6.87 -2.61 6.78
CA TYR A 53 -7.03 -1.17 6.76
C TYR A 53 -7.90 -0.72 5.59
N LEU A 54 -7.65 -1.34 4.45
CA LEU A 54 -8.40 -1.01 3.23
C LEU A 54 -9.89 -1.25 3.49
N PHE A 55 -10.23 -2.51 3.68
CA PHE A 55 -11.61 -2.88 3.94
C PHE A 55 -12.31 -1.85 4.82
N ALA A 56 -11.63 -1.49 5.90
CA ALA A 56 -12.17 -0.51 6.83
C ALA A 56 -12.81 0.64 6.05
N HIS A 57 -12.00 1.27 5.21
CA HIS A 57 -12.48 2.38 4.40
C HIS A 57 -13.45 1.86 3.35
N SER A 58 -12.97 0.88 2.59
CA SER A 58 -13.78 0.29 1.53
C SER A 58 -15.14 -0.15 2.10
N GLY A 59 -16.03 -0.50 1.19
CA GLY A 59 -17.36 -0.94 1.59
C GLY A 59 -17.39 -2.44 1.88
N PRO A 60 -17.62 -2.76 3.19
CA PRO A 60 -17.67 -4.16 3.60
C PRO A 60 -18.97 -4.81 3.18
N SER A 61 -19.09 -5.04 1.87
CA SER A 61 -20.27 -5.66 1.32
C SER A 61 -21.53 -4.97 1.85
N SER A 62 -21.92 -3.92 1.14
CA SER A 62 -23.10 -3.16 1.53
C SER A 62 -23.03 -2.82 3.03
N GLY A 63 -22.40 -1.69 3.30
CA GLY A 63 -22.25 -1.23 4.69
C GLY A 63 -21.49 0.08 4.76
N GLY A 1 23.77 10.41 6.84
CA GLY A 1 23.29 9.18 6.23
C GLY A 1 22.32 9.49 5.09
N SER A 2 21.04 9.51 5.42
CA SER A 2 20.01 9.78 4.44
C SER A 2 19.53 11.23 4.56
N SER A 3 20.19 12.10 3.81
CA SER A 3 19.84 13.51 3.83
C SER A 3 19.56 14.00 2.41
N GLY A 4 18.38 14.57 2.24
CA GLY A 4 17.98 15.09 0.94
C GLY A 4 16.46 15.04 0.77
N SER A 5 15.84 16.20 0.89
CA SER A 5 14.40 16.31 0.75
C SER A 5 14.05 17.23 -0.41
N SER A 6 13.69 16.61 -1.52
CA SER A 6 13.32 17.37 -2.72
C SER A 6 12.33 16.56 -3.56
N GLY A 7 12.79 15.40 -4.00
CA GLY A 7 11.96 14.53 -4.82
C GLY A 7 11.23 13.49 -3.96
N ALA A 8 10.02 13.85 -3.54
CA ALA A 8 9.23 12.97 -2.71
C ALA A 8 8.52 11.95 -3.61
N TYR A 9 7.59 12.46 -4.41
CA TYR A 9 6.83 11.60 -5.31
C TYR A 9 7.75 10.66 -6.07
N SER A 10 8.98 11.10 -6.25
CA SER A 10 9.98 10.30 -6.97
C SER A 10 9.87 8.84 -6.54
N GLU A 11 9.59 8.65 -5.26
CA GLU A 11 9.46 7.31 -4.71
C GLU A 11 8.35 6.54 -5.44
N LEU A 12 7.23 7.21 -5.60
CA LEU A 12 6.09 6.62 -6.28
C LEU A 12 6.43 6.38 -7.74
N GLN A 13 7.43 7.12 -8.21
CA GLN A 13 7.88 7.00 -9.58
C GLN A 13 8.77 5.76 -9.75
N MET A 14 9.60 5.54 -8.75
CA MET A 14 10.51 4.41 -8.77
C MET A 14 10.47 3.64 -7.44
N LEU A 15 9.28 3.20 -7.09
CA LEU A 15 9.10 2.47 -5.85
C LEU A 15 10.07 1.29 -5.81
N SER A 16 9.90 0.45 -4.79
CA SER A 16 10.75 -0.71 -4.63
C SER A 16 10.04 -1.96 -5.15
N PRO A 17 10.78 -3.10 -5.12
CA PRO A 17 10.23 -4.36 -5.58
C PRO A 17 9.25 -4.94 -4.55
N SER A 18 9.30 -4.37 -3.36
CA SER A 18 8.43 -4.82 -2.29
C SER A 18 7.12 -4.00 -2.29
N GLU A 19 7.30 -2.70 -2.48
CA GLU A 19 6.15 -1.80 -2.51
C GLU A 19 5.31 -2.05 -3.77
N ARG A 20 6.01 -2.24 -4.87
CA ARG A 20 5.35 -2.49 -6.14
C ARG A 20 4.42 -3.70 -6.03
N GLN A 21 5.00 -4.83 -5.69
CA GLN A 21 4.24 -6.06 -5.54
C GLN A 21 3.07 -5.85 -4.58
N CYS A 22 3.38 -5.22 -3.45
CA CYS A 22 2.37 -4.95 -2.45
C CYS A 22 1.21 -4.21 -3.12
N VAL A 23 1.54 -3.05 -3.69
CA VAL A 23 0.55 -2.24 -4.37
C VAL A 23 -0.08 -3.06 -5.50
N GLU A 24 0.73 -3.31 -6.52
CA GLU A 24 0.26 -4.08 -7.67
C GLU A 24 -0.67 -5.20 -7.21
N THR A 25 -0.19 -5.95 -6.23
CA THR A 25 -0.97 -7.06 -5.70
C THR A 25 -2.40 -6.63 -5.41
N VAL A 26 -2.54 -5.75 -4.44
CA VAL A 26 -3.86 -5.24 -4.07
C VAL A 26 -4.48 -4.53 -5.26
N VAL A 27 -3.73 -3.57 -5.80
CA VAL A 27 -4.19 -2.80 -6.95
C VAL A 27 -4.79 -3.76 -7.98
N ASN A 28 -4.22 -4.95 -8.05
CA ASN A 28 -4.68 -5.95 -8.99
C ASN A 28 -5.96 -6.61 -8.44
N MET A 29 -5.97 -6.82 -7.13
CA MET A 29 -7.11 -7.43 -6.48
C MET A 29 -8.38 -6.63 -6.74
N GLY A 30 -8.18 -5.39 -7.18
CA GLY A 30 -9.31 -4.52 -7.47
C GLY A 30 -9.36 -3.35 -6.49
N TYR A 31 -8.25 -2.63 -6.40
CA TYR A 31 -8.16 -1.49 -5.51
C TYR A 31 -7.49 -0.30 -6.21
N SER A 32 -7.25 0.75 -5.43
CA SER A 32 -6.62 1.94 -5.95
C SER A 32 -5.14 1.95 -5.60
N TYR A 33 -4.41 2.89 -6.21
CA TYR A 33 -2.99 3.01 -5.96
C TYR A 33 -2.71 3.90 -4.75
N GLU A 34 -3.31 5.09 -4.79
CA GLU A 34 -3.14 6.05 -3.71
C GLU A 34 -3.57 5.43 -2.38
N CYS A 35 -4.76 4.85 -2.39
CA CYS A 35 -5.30 4.22 -1.19
C CYS A 35 -4.28 3.19 -0.70
N VAL A 36 -4.07 2.16 -1.52
CA VAL A 36 -3.14 1.11 -1.18
C VAL A 36 -1.83 1.73 -0.69
N LEU A 37 -1.30 2.63 -1.51
CA LEU A 37 -0.06 3.30 -1.18
C LEU A 37 -0.09 3.73 0.29
N ARG A 38 -0.94 4.71 0.57
CA ARG A 38 -1.09 5.21 1.93
C ARG A 38 -1.10 4.05 2.92
N ALA A 39 -2.16 3.26 2.84
CA ALA A 39 -2.31 2.12 3.73
C ALA A 39 -0.96 1.43 3.90
N MET A 40 -0.41 1.01 2.77
CA MET A 40 0.87 0.33 2.79
C MET A 40 1.89 1.07 3.65
N LYS A 41 1.80 2.40 3.59
CA LYS A 41 2.70 3.25 4.36
C LYS A 41 2.20 3.33 5.80
N LYS A 42 0.89 3.18 5.95
CA LYS A 42 0.28 3.24 7.27
C LYS A 42 0.53 1.93 8.01
N LYS A 43 0.03 0.85 7.42
CA LYS A 43 0.19 -0.47 8.02
C LYS A 43 1.64 -0.93 7.81
N GLY A 44 2.22 -0.48 6.72
CA GLY A 44 3.59 -0.83 6.39
C GLY A 44 3.64 -2.00 5.40
N GLU A 45 4.31 -3.06 5.81
CA GLU A 45 4.44 -4.24 4.97
C GLU A 45 3.64 -5.40 5.56
N ASN A 46 2.43 -5.56 5.06
CA ASN A 46 1.56 -6.62 5.53
C ASN A 46 0.28 -6.64 4.70
N ILE A 47 0.29 -7.48 3.68
CA ILE A 47 -0.87 -7.61 2.79
C ILE A 47 -2.14 -7.67 3.63
N GLU A 48 -2.08 -8.49 4.67
CA GLU A 48 -3.23 -8.66 5.56
C GLU A 48 -3.68 -7.29 6.09
N GLN A 49 -2.86 -6.74 6.98
CA GLN A 49 -3.17 -5.44 7.57
C GLN A 49 -3.61 -4.46 6.49
N ILE A 50 -2.86 -4.45 5.41
CA ILE A 50 -3.16 -3.55 4.29
C ILE A 50 -4.58 -3.85 3.79
N LEU A 51 -4.92 -5.12 3.81
CA LEU A 51 -6.23 -5.54 3.35
C LEU A 51 -7.28 -5.22 4.43
N ASP A 52 -6.88 -5.44 5.67
CA ASP A 52 -7.77 -5.17 6.79
C ASP A 52 -8.07 -3.67 6.84
N TYR A 53 -7.03 -2.88 6.66
CA TYR A 53 -7.18 -1.43 6.69
C TYR A 53 -8.03 -0.94 5.51
N LEU A 54 -7.84 -1.58 4.38
CA LEU A 54 -8.59 -1.23 3.18
C LEU A 54 -10.07 -1.49 3.42
N PHE A 55 -10.39 -2.75 3.64
CA PHE A 55 -11.77 -3.14 3.88
C PHE A 55 -12.50 -2.10 4.73
N ALA A 56 -11.80 -1.64 5.76
CA ALA A 56 -12.37 -0.64 6.65
C ALA A 56 -13.09 0.43 5.83
N HIS A 57 -12.38 0.94 4.83
CA HIS A 57 -12.93 1.97 3.97
C HIS A 57 -13.70 1.31 2.82
N SER A 58 -13.04 0.33 2.21
CA SER A 58 -13.65 -0.38 1.10
C SER A 58 -15.12 -0.66 1.39
N GLY A 59 -15.35 -1.36 2.50
CA GLY A 59 -16.70 -1.71 2.90
C GLY A 59 -17.31 -0.59 3.76
N PRO A 60 -18.67 -0.57 3.78
CA PRO A 60 -19.39 0.43 4.56
C PRO A 60 -19.33 0.12 6.05
N SER A 61 -18.18 0.41 6.64
CA SER A 61 -17.98 0.16 8.06
C SER A 61 -17.04 1.21 8.64
N SER A 62 -17.64 2.19 9.31
CA SER A 62 -16.86 3.27 9.91
C SER A 62 -16.26 2.79 11.23
N GLY A 63 -14.95 3.02 11.37
CA GLY A 63 -14.24 2.62 12.56
C GLY A 63 -14.01 3.80 13.49
N GLY A 1 14.49 -0.20 12.27
CA GLY A 1 15.46 0.64 12.95
C GLY A 1 15.73 1.93 12.17
N SER A 2 16.83 1.91 11.43
CA SER A 2 17.21 3.06 10.62
C SER A 2 17.52 4.25 11.53
N SER A 3 18.15 5.25 10.94
CA SER A 3 18.52 6.45 11.69
C SER A 3 18.26 7.70 10.84
N GLY A 4 18.72 7.63 9.60
CA GLY A 4 18.54 8.74 8.67
C GLY A 4 19.34 8.50 7.39
N SER A 5 18.62 8.21 6.32
CA SER A 5 19.25 7.98 5.03
C SER A 5 18.25 8.23 3.91
N SER A 6 17.14 7.50 3.95
CA SER A 6 16.11 7.64 2.94
C SER A 6 15.06 8.65 3.41
N GLY A 7 14.38 9.24 2.45
CA GLY A 7 13.35 10.23 2.74
C GLY A 7 12.05 9.54 3.17
N ALA A 8 11.09 9.53 2.25
CA ALA A 8 9.80 8.92 2.52
C ALA A 8 8.94 8.98 1.26
N TYR A 9 8.70 10.20 0.81
CA TYR A 9 7.90 10.41 -0.39
C TYR A 9 8.70 10.12 -1.65
N SER A 10 10.00 10.38 -1.56
CA SER A 10 10.88 10.14 -2.68
C SER A 10 10.85 8.67 -3.09
N GLU A 11 10.46 7.84 -2.13
CA GLU A 11 10.38 6.41 -2.37
C GLU A 11 9.25 6.10 -3.37
N LEU A 12 8.13 6.76 -3.17
CA LEU A 12 6.98 6.57 -4.03
C LEU A 12 7.44 6.57 -5.48
N GLN A 13 8.18 7.61 -5.84
CA GLN A 13 8.68 7.75 -7.19
C GLN A 13 9.37 6.45 -7.64
N MET A 14 10.33 6.02 -6.83
CA MET A 14 11.06 4.80 -7.11
C MET A 14 10.95 3.80 -5.96
N LEU A 15 9.74 3.30 -5.76
CA LEU A 15 9.49 2.35 -4.70
C LEU A 15 10.42 1.14 -4.89
N SER A 16 10.21 0.15 -4.03
CA SER A 16 11.01 -1.07 -4.09
C SER A 16 10.24 -2.16 -4.82
N PRO A 17 10.92 -3.33 -4.99
CA PRO A 17 10.32 -4.46 -5.67
C PRO A 17 9.28 -5.16 -4.77
N SER A 18 9.40 -4.90 -3.48
CA SER A 18 8.50 -5.48 -2.51
C SER A 18 7.25 -4.61 -2.36
N GLU A 19 7.48 -3.31 -2.24
CA GLU A 19 6.40 -2.36 -2.10
C GLU A 19 5.59 -2.28 -3.39
N ARG A 20 6.31 -2.35 -4.50
CA ARG A 20 5.67 -2.28 -5.81
C ARG A 20 4.77 -3.50 -6.03
N GLN A 21 5.33 -4.67 -5.75
CA GLN A 21 4.59 -5.91 -5.90
C GLN A 21 3.38 -5.94 -4.97
N CYS A 22 3.56 -5.32 -3.81
CA CYS A 22 2.50 -5.28 -2.82
C CYS A 22 1.38 -4.38 -3.37
N VAL A 23 1.70 -3.11 -3.53
CA VAL A 23 0.73 -2.15 -4.04
C VAL A 23 0.09 -2.72 -5.31
N GLU A 24 0.94 -3.02 -6.28
CA GLU A 24 0.46 -3.57 -7.54
C GLU A 24 -0.50 -4.73 -7.30
N THR A 25 -0.01 -5.69 -6.51
CA THR A 25 -0.82 -6.86 -6.19
C THR A 25 -2.24 -6.44 -5.81
N VAL A 26 -2.34 -5.67 -4.75
CA VAL A 26 -3.63 -5.20 -4.28
C VAL A 26 -4.31 -4.39 -5.39
N VAL A 27 -3.52 -3.55 -6.04
CA VAL A 27 -4.03 -2.73 -7.13
C VAL A 27 -4.74 -3.61 -8.15
N ASN A 28 -4.27 -4.85 -8.24
CA ASN A 28 -4.85 -5.81 -9.17
C ASN A 28 -6.01 -6.53 -8.49
N MET A 29 -5.94 -6.59 -7.17
CA MET A 29 -6.98 -7.25 -6.40
C MET A 29 -8.30 -6.48 -6.48
N GLY A 30 -8.18 -5.20 -6.81
CA GLY A 30 -9.35 -4.35 -6.93
C GLY A 30 -9.27 -3.16 -5.97
N TYR A 31 -8.23 -2.36 -6.15
CA TYR A 31 -8.03 -1.20 -5.31
C TYR A 31 -7.26 -0.10 -6.05
N SER A 32 -7.35 1.11 -5.51
CA SER A 32 -6.67 2.24 -6.11
C SER A 32 -5.27 2.39 -5.52
N TYR A 33 -4.30 2.55 -6.40
CA TYR A 33 -2.92 2.71 -5.98
C TYR A 33 -2.83 3.55 -4.71
N GLU A 34 -3.10 4.84 -4.88
CA GLU A 34 -3.06 5.76 -3.75
C GLU A 34 -3.62 5.10 -2.50
N CYS A 35 -4.88 4.72 -2.58
CA CYS A 35 -5.54 4.07 -1.46
C CYS A 35 -4.60 3.02 -0.89
N VAL A 36 -4.36 1.99 -1.69
CA VAL A 36 -3.48 0.91 -1.28
C VAL A 36 -2.21 1.50 -0.66
N LEU A 37 -1.57 2.38 -1.42
CA LEU A 37 -0.35 3.02 -0.95
C LEU A 37 -0.54 3.47 0.50
N ARG A 38 -1.38 4.48 0.66
CA ARG A 38 -1.64 5.01 1.99
C ARG A 38 -1.76 3.88 3.00
N ALA A 39 -2.48 2.84 2.61
CA ALA A 39 -2.67 1.68 3.47
C ALA A 39 -1.31 1.11 3.86
N MET A 40 -0.52 0.82 2.84
CA MET A 40 0.80 0.26 3.06
C MET A 40 1.69 1.24 3.84
N LYS A 41 1.59 2.50 3.48
CA LYS A 41 2.37 3.54 4.13
C LYS A 41 1.77 3.81 5.53
N LYS A 42 0.59 3.24 5.74
CA LYS A 42 -0.09 3.42 7.01
C LYS A 42 0.17 2.20 7.91
N LYS A 43 -0.26 1.05 7.42
CA LYS A 43 -0.08 -0.19 8.15
C LYS A 43 1.40 -0.62 8.07
N GLY A 44 2.02 -0.26 6.96
CA GLY A 44 3.41 -0.60 6.74
C GLY A 44 3.56 -1.66 5.65
N GLU A 45 4.22 -2.75 6.01
CA GLU A 45 4.43 -3.84 5.08
C GLU A 45 3.72 -5.10 5.55
N ASN A 46 2.54 -5.32 5.01
CA ASN A 46 1.73 -6.48 5.37
C ASN A 46 0.44 -6.48 4.57
N ILE A 47 0.36 -7.39 3.61
CA ILE A 47 -0.81 -7.50 2.78
C ILE A 47 -2.06 -7.54 3.66
N GLU A 48 -2.10 -8.53 4.53
CA GLU A 48 -3.22 -8.69 5.44
C GLU A 48 -3.65 -7.33 6.00
N GLN A 49 -2.70 -6.69 6.68
CA GLN A 49 -2.96 -5.39 7.26
C GLN A 49 -3.52 -4.42 6.22
N ILE A 50 -2.75 -4.25 5.16
CA ILE A 50 -3.15 -3.37 4.08
C ILE A 50 -4.61 -3.63 3.72
N LEU A 51 -4.97 -4.90 3.73
CA LEU A 51 -6.34 -5.30 3.42
C LEU A 51 -7.25 -4.92 4.58
N ASP A 52 -6.85 -5.35 5.77
CA ASP A 52 -7.62 -5.07 6.97
C ASP A 52 -7.95 -3.57 7.02
N TYR A 53 -6.92 -2.77 6.76
CA TYR A 53 -7.09 -1.33 6.77
C TYR A 53 -8.03 -0.86 5.65
N LEU A 54 -7.82 -1.46 4.48
CA LEU A 54 -8.64 -1.12 3.32
C LEU A 54 -10.11 -1.38 3.65
N PHE A 55 -10.41 -2.63 3.92
CA PHE A 55 -11.77 -3.02 4.25
C PHE A 55 -12.46 -1.95 5.10
N ALA A 56 -11.71 -1.46 6.08
CA ALA A 56 -12.23 -0.44 6.97
C ALA A 56 -13.05 0.57 6.16
N HIS A 57 -12.42 1.10 5.13
CA HIS A 57 -13.06 2.08 4.27
C HIS A 57 -13.81 1.36 3.15
N SER A 58 -13.08 0.49 2.45
CA SER A 58 -13.65 -0.27 1.36
C SER A 58 -14.58 -1.36 1.91
N GLY A 59 -15.85 -1.00 2.08
CA GLY A 59 -16.82 -1.94 2.59
C GLY A 59 -17.78 -2.40 1.47
N PRO A 60 -18.38 -3.59 1.70
CA PRO A 60 -19.31 -4.15 0.73
C PRO A 60 -20.65 -3.42 0.77
N SER A 61 -20.70 -2.30 0.06
CA SER A 61 -21.91 -1.50 -0.01
C SER A 61 -22.28 -1.21 -1.45
N SER A 62 -23.57 -0.98 -1.66
CA SER A 62 -24.06 -0.69 -3.00
C SER A 62 -23.97 -1.95 -3.87
N GLY A 63 -25.04 -2.73 -3.84
CA GLY A 63 -25.09 -3.96 -4.61
C GLY A 63 -26.23 -4.87 -4.13
N GLY A 1 18.93 -6.84 7.75
CA GLY A 1 19.77 -6.00 8.59
C GLY A 1 18.93 -4.96 9.34
N SER A 2 19.55 -3.82 9.61
CA SER A 2 18.87 -2.74 10.32
C SER A 2 19.84 -1.57 10.52
N SER A 3 19.53 -0.47 9.86
CA SER A 3 20.36 0.72 9.97
C SER A 3 19.73 1.87 9.15
N GLY A 4 19.17 2.81 9.87
CA GLY A 4 18.53 3.96 9.24
C GLY A 4 17.11 3.62 8.79
N SER A 5 16.16 3.99 9.63
CA SER A 5 14.76 3.74 9.35
C SER A 5 14.03 5.05 9.07
N SER A 6 14.00 5.42 7.79
CA SER A 6 13.34 6.65 7.38
C SER A 6 13.19 6.68 5.86
N GLY A 7 12.26 7.51 5.41
CA GLY A 7 12.00 7.63 3.98
C GLY A 7 11.32 8.97 3.67
N ALA A 8 10.93 9.12 2.42
CA ALA A 8 10.27 10.33 1.97
C ALA A 8 9.16 9.98 0.97
N TYR A 9 8.39 10.99 0.60
CA TYR A 9 7.31 10.80 -0.34
C TYR A 9 7.85 10.41 -1.72
N SER A 10 9.00 10.97 -2.06
CA SER A 10 9.62 10.68 -3.34
C SER A 10 9.61 9.17 -3.61
N GLU A 11 9.59 8.42 -2.52
CA GLU A 11 9.58 6.97 -2.62
C GLU A 11 8.49 6.50 -3.58
N LEU A 12 7.35 7.18 -3.50
CA LEU A 12 6.22 6.84 -4.35
C LEU A 12 6.69 6.76 -5.80
N GLN A 13 7.40 7.81 -6.23
CA GLN A 13 7.91 7.86 -7.59
C GLN A 13 8.67 6.58 -7.91
N MET A 14 9.70 6.32 -7.12
CA MET A 14 10.53 5.14 -7.32
C MET A 14 10.47 4.22 -6.09
N LEU A 15 9.28 3.67 -5.87
CA LEU A 15 9.08 2.78 -4.74
C LEU A 15 10.07 1.62 -4.83
N SER A 16 9.90 0.66 -3.93
CA SER A 16 10.77 -0.50 -3.89
C SER A 16 10.09 -1.68 -4.58
N PRO A 17 10.86 -2.79 -4.72
CA PRO A 17 10.36 -3.99 -5.36
C PRO A 17 9.39 -4.73 -4.43
N SER A 18 9.51 -4.43 -3.14
CA SER A 18 8.66 -5.07 -2.15
C SER A 18 7.34 -4.29 -2.01
N GLU A 19 7.48 -2.97 -1.93
CA GLU A 19 6.32 -2.10 -1.80
C GLU A 19 5.48 -2.14 -3.08
N ARG A 20 6.18 -2.13 -4.20
CA ARG A 20 5.52 -2.16 -5.50
C ARG A 20 4.64 -3.39 -5.62
N GLN A 21 5.28 -4.55 -5.54
CA GLN A 21 4.58 -5.82 -5.64
C GLN A 21 3.31 -5.78 -4.77
N CYS A 22 3.42 -5.10 -3.65
CA CYS A 22 2.30 -4.97 -2.74
C CYS A 22 1.20 -4.16 -3.42
N VAL A 23 1.62 -3.04 -4.00
CA VAL A 23 0.68 -2.15 -4.68
C VAL A 23 -0.01 -2.93 -5.79
N GLU A 24 0.75 -3.23 -6.84
CA GLU A 24 0.21 -3.96 -7.98
C GLU A 24 -0.67 -5.12 -7.49
N THR A 25 -0.12 -5.87 -6.55
CA THR A 25 -0.85 -7.00 -6.00
C THR A 25 -2.28 -6.60 -5.62
N VAL A 26 -2.37 -5.73 -4.63
CA VAL A 26 -3.66 -5.26 -4.17
C VAL A 26 -4.40 -4.58 -5.32
N VAL A 27 -3.71 -3.64 -5.95
CA VAL A 27 -4.29 -2.91 -7.07
C VAL A 27 -4.89 -3.91 -8.07
N ASN A 28 -4.27 -5.09 -8.11
CA ASN A 28 -4.73 -6.14 -9.01
C ASN A 28 -5.93 -6.85 -8.39
N MET A 29 -5.90 -6.95 -7.06
CA MET A 29 -6.98 -7.60 -6.33
C MET A 29 -8.30 -6.85 -6.51
N GLY A 30 -8.18 -5.54 -6.71
CA GLY A 30 -9.35 -4.70 -6.89
C GLY A 30 -9.36 -3.56 -5.88
N TYR A 31 -8.30 -2.77 -5.90
CA TYR A 31 -8.19 -1.65 -4.98
C TYR A 31 -7.47 -0.47 -5.65
N SER A 32 -7.72 0.71 -5.13
CA SER A 32 -7.11 1.92 -5.65
C SER A 32 -5.59 1.86 -5.46
N TYR A 33 -4.91 2.81 -6.08
CA TYR A 33 -3.46 2.88 -5.99
C TYR A 33 -3.03 3.69 -4.76
N GLU A 34 -3.53 4.91 -4.69
CA GLU A 34 -3.21 5.80 -3.59
C GLU A 34 -3.73 5.21 -2.27
N CYS A 35 -5.03 5.02 -2.21
CA CYS A 35 -5.65 4.47 -1.01
C CYS A 35 -4.79 3.31 -0.52
N VAL A 36 -4.49 2.40 -1.44
CA VAL A 36 -3.68 1.24 -1.11
C VAL A 36 -2.30 1.70 -0.66
N LEU A 37 -1.72 2.59 -1.46
CA LEU A 37 -0.40 3.12 -1.15
C LEU A 37 -0.37 3.60 0.30
N ARG A 38 -1.22 4.58 0.57
CA ARG A 38 -1.30 5.15 1.90
C ARG A 38 -1.29 4.04 2.95
N ALA A 39 -2.17 3.07 2.76
CA ALA A 39 -2.26 1.95 3.68
C ALA A 39 -0.92 1.24 3.76
N MET A 40 -0.46 0.75 2.62
CA MET A 40 0.81 0.06 2.56
C MET A 40 1.89 0.82 3.33
N LYS A 41 1.73 2.13 3.38
CA LYS A 41 2.68 2.98 4.07
C LYS A 41 2.32 3.01 5.56
N LYS A 42 1.03 3.03 5.82
CA LYS A 42 0.55 3.05 7.20
C LYS A 42 0.79 1.69 7.85
N LYS A 43 0.24 0.67 7.22
CA LYS A 43 0.39 -0.69 7.72
C LYS A 43 1.81 -1.18 7.44
N GLY A 44 2.37 -0.68 6.35
CA GLY A 44 3.72 -1.05 5.97
C GLY A 44 3.71 -2.23 4.99
N GLU A 45 4.41 -3.28 5.37
CA GLU A 45 4.48 -4.48 4.55
C GLU A 45 3.70 -5.62 5.20
N ASN A 46 2.47 -5.77 4.78
CA ASN A 46 1.61 -6.82 5.31
C ASN A 46 0.26 -6.80 4.58
N ILE A 47 0.20 -7.55 3.50
CA ILE A 47 -1.01 -7.63 2.71
C ILE A 47 -2.22 -7.67 3.64
N GLU A 48 -2.21 -8.66 4.52
CA GLU A 48 -3.30 -8.82 5.47
C GLU A 48 -3.73 -7.47 6.03
N GLN A 49 -2.75 -6.76 6.59
CA GLN A 49 -3.01 -5.44 7.16
C GLN A 49 -3.65 -4.53 6.11
N ILE A 50 -2.90 -4.29 5.05
CA ILE A 50 -3.37 -3.43 3.97
C ILE A 50 -4.83 -3.75 3.68
N LEU A 51 -5.11 -5.03 3.53
CA LEU A 51 -6.47 -5.48 3.25
C LEU A 51 -7.37 -5.11 4.43
N ASP A 52 -6.92 -5.50 5.62
CA ASP A 52 -7.68 -5.22 6.83
C ASP A 52 -7.99 -3.72 6.89
N TYR A 53 -6.96 -2.93 6.68
CA TYR A 53 -7.12 -1.48 6.70
C TYR A 53 -8.01 -1.00 5.56
N LEU A 54 -7.69 -1.47 4.37
CA LEU A 54 -8.44 -1.09 3.19
C LEU A 54 -9.94 -1.30 3.46
N PHE A 55 -10.27 -2.52 3.86
CA PHE A 55 -11.65 -2.85 4.15
C PHE A 55 -12.33 -1.74 4.93
N ALA A 56 -11.60 -1.18 5.88
CA ALA A 56 -12.12 -0.10 6.70
C ALA A 56 -12.79 0.94 5.80
N HIS A 57 -12.04 1.38 4.81
CA HIS A 57 -12.53 2.37 3.88
C HIS A 57 -13.54 1.72 2.93
N SER A 58 -13.09 0.65 2.29
CA SER A 58 -13.94 -0.08 1.36
C SER A 58 -14.33 0.83 0.19
N GLY A 59 -14.35 0.25 -0.99
CA GLY A 59 -14.70 0.99 -2.19
C GLY A 59 -15.07 0.05 -3.34
N PRO A 60 -14.02 -0.41 -4.07
CA PRO A 60 -14.24 -1.31 -5.19
C PRO A 60 -14.54 -2.73 -4.70
N SER A 61 -15.63 -2.83 -3.94
CA SER A 61 -16.05 -4.11 -3.40
C SER A 61 -17.57 -4.13 -3.23
N SER A 62 -18.08 -5.31 -2.92
CA SER A 62 -19.51 -5.49 -2.74
C SER A 62 -19.78 -6.62 -1.75
N GLY A 63 -20.66 -6.34 -0.79
CA GLY A 63 -21.01 -7.32 0.22
C GLY A 63 -22.49 -7.67 0.14
#